data_3QEQ
#
_entry.id   3QEQ
#
_cell.length_a   59.651
_cell.length_b   73.663
_cell.length_c   225.292
_cell.angle_alpha   90.000
_cell.angle_beta   90.000
_cell.angle_gamma   90.000
#
_symmetry.space_group_name_H-M   'P 21 21 21'
#
loop_
_entity.id
_entity.type
_entity.pdbx_description
1 polymer 'HLA class I histocompatibility antigen, A-2 alpha chain'
2 polymer Beta-2-microglobulin
3 polymer 'MART-1(27-35) peptide'
4 polymer 'DMF4 alpha chain'
5 polymer 'DMF4 beta chain'
6 water water
#
loop_
_entity_poly.entity_id
_entity_poly.type
_entity_poly.pdbx_seq_one_letter_code
_entity_poly.pdbx_strand_id
1 'polypeptide(L)'
;GSHSMRYFFTSVSRPGRGEPRFIAVGYVDDTQFVRFDSDAASQRMEPRAPWIEQEGPEYWDGETRKVKAHSQTHRVDLGT
LRGYYNQSEAGSHTVQRMYGCDVGSDWRFLRGYHQYAYDGKDYIALKEDLRSWTAADMAAQTTKHKWEAAHVAEQLRAYL
EGTCVEWLRRYLENGKETLQRTDAPKTHMTHHAVSDHEATLRCWALSFYPAEITLTWQRDGEDQTQDTELVETRPAGDGT
FQKWAAVVVPSGQEQRYTCHVQHEGLPKPLTLRWE
;
A
2 'polypeptide(L)'
;MIQRTPKIQVYSRHPAENGKSNFLNCYVSGFHPSDIEVDLLKNGERIEKVEHSDLSFSKDWSFYLLYYTEFTPTEKDEYA
CRVNHVTLSQPKIVKWDRDM
;
B
3 'polypeptide(L)' AAGIGILTV C
4 'polypeptide(L)'
;QLNQSPQSMFIQEGEDVSMNCTSSSIFNTWLWYKQDPGEGPVLLIALYKAGELTSNGRLTAQFGITRKDSFLNISASIPS
DVGIYFCAGGTGNQFYFGTGTSLTVIPNIQNPDPAVYQLRDSKSSDKSVCLFTDFDSQTNVSQSKDSDVYITDKCVLDMR
SMDFKSNSAVAWSNKSDFACANAFNNSIIPEDTF
;
D
5 'polypeptide(L)'
;DAGITQSPRHKVTETGTPVTLRCHQTENHRYMYWYRQDPGHGLRLIHYSYGVKDTDKGEVSDGYSVSRSKTEDFLLTLES
ATSSQTSVYFCAISEVGVGQPQHFGDGTRLSILEDLNKVFPPEVAVFEPSEAEISHTQKATLVCLATGFYPDHVELSWWV
NGKEVHSGVCTDPQPLKEQPALNDSRYALSSRLRVSATFWQDPRNHFRCQVQFYGLSENDEWTQDRAKPVTQIVSAEAWG
RAD
;
E
#
# COMPACT_ATOMS: atom_id res chain seq x y z
N GLY A 1 26.49 -3.74 -24.38
CA GLY A 1 26.55 -5.03 -23.62
C GLY A 1 25.45 -5.16 -22.58
N SER A 2 25.60 -6.18 -21.73
CA SER A 2 24.64 -6.48 -20.66
C SER A 2 24.68 -5.45 -19.55
N HIS A 3 23.51 -5.22 -18.95
CA HIS A 3 23.39 -4.29 -17.84
C HIS A 3 22.55 -4.87 -16.73
N SER A 4 22.72 -4.33 -15.53
CA SER A 4 21.97 -4.80 -14.37
C SER A 4 21.49 -3.67 -13.44
N MET A 5 20.33 -3.84 -12.82
CA MET A 5 19.94 -2.98 -11.70
C MET A 5 19.70 -3.81 -10.43
N ARG A 6 20.36 -3.44 -9.32
CA ARG A 6 20.29 -4.20 -8.07
C ARG A 6 20.09 -3.30 -6.88
N TYR A 7 19.30 -3.80 -5.93
CA TYR A 7 19.07 -3.10 -4.69
C TYR A 7 19.50 -4.04 -3.57
N PHE A 8 20.20 -3.48 -2.58
CA PHE A 8 20.77 -4.23 -1.48
C PHE A 8 20.26 -3.64 -0.18
N PHE A 9 19.73 -4.47 0.72
CA PHE A 9 19.19 -4.02 2.03
C PHE A 9 19.87 -4.75 3.18
N THR A 10 20.38 -4.02 4.15
CA THR A 10 20.95 -4.64 5.34
C THR A 10 20.25 -4.08 6.55
N SER A 11 19.75 -4.96 7.39
CA SER A 11 19.24 -4.59 8.70
C SER A 11 19.95 -5.32 9.83
N VAL A 12 20.40 -4.59 10.84
CA VAL A 12 21.09 -5.22 11.96
C VAL A 12 20.55 -4.75 13.31
N SER A 13 20.09 -5.69 14.11
CA SER A 13 19.58 -5.33 15.42
C SER A 13 20.71 -4.93 16.36
N ARG A 14 20.38 -4.04 17.28
CA ARG A 14 21.29 -3.64 18.33
C ARG A 14 20.47 -3.53 19.61
N PRO A 15 20.11 -4.67 20.22
CA PRO A 15 19.25 -4.66 21.41
C PRO A 15 19.86 -3.87 22.55
N GLY A 16 19.03 -3.05 23.20
CA GLY A 16 19.52 -2.04 24.15
C GLY A 16 20.08 -0.73 23.62
N ARG A 17 20.08 -0.56 22.29
CA ARG A 17 20.69 0.60 21.64
C ARG A 17 19.75 1.20 20.61
N GLY A 18 18.45 0.99 20.82
CA GLY A 18 17.45 1.51 19.92
C GLY A 18 17.08 0.53 18.84
N GLU A 19 16.47 1.06 17.79
CA GLU A 19 15.92 0.29 16.69
C GLU A 19 17.05 -0.21 15.78
N PRO A 20 16.80 -1.28 14.98
CA PRO A 20 17.84 -1.78 14.08
C PRO A 20 18.37 -0.77 13.08
N ARG A 21 19.69 -0.84 12.83
CA ARG A 21 20.38 -0.09 11.80
C ARG A 21 19.85 -0.60 10.49
N PHE A 22 19.50 0.34 9.60
CA PHE A 22 19.02 -0.02 8.27
C PHE A 22 19.73 0.79 7.21
N ILE A 23 20.39 0.07 6.31
CA ILE A 23 21.07 0.66 5.14
C ILE A 23 20.60 0.01 3.86
N ALA A 24 20.07 0.84 2.96
CA ALA A 24 19.66 0.43 1.62
C ALA A 24 20.51 1.14 0.58
N VAL A 25 20.78 0.46 -0.52
CA VAL A 25 21.70 0.94 -1.53
C VAL A 25 21.27 0.47 -2.93
N GLY A 26 21.28 1.36 -3.92
CA GLY A 26 20.93 1.03 -5.29
C GLY A 26 22.12 1.11 -6.25
N TYR A 27 22.24 0.10 -7.12
CA TYR A 27 23.28 0.07 -8.13
C TYR A 27 22.73 -0.11 -9.54
N VAL A 28 23.32 0.62 -10.49
CA VAL A 28 23.26 0.18 -11.86
C VAL A 28 24.66 -0.30 -12.20
N ASP A 29 24.75 -1.59 -12.54
CA ASP A 29 26.00 -2.33 -12.76
C ASP A 29 26.92 -2.14 -11.55
N ASP A 30 28.05 -1.48 -11.76
CA ASP A 30 28.98 -1.24 -10.67
C ASP A 30 28.94 0.22 -10.12
N THR A 31 27.93 0.98 -10.51
CA THR A 31 27.78 2.36 -10.09
C THR A 31 26.62 2.48 -9.10
N GLN A 32 26.90 2.99 -7.90
CA GLN A 32 25.88 3.30 -6.91
C GLN A 32 25.08 4.55 -7.31
N PHE A 33 23.76 4.54 -7.11
CA PHE A 33 22.98 5.73 -7.50
C PHE A 33 22.07 6.31 -6.45
N VAL A 34 21.63 5.48 -5.50
CA VAL A 34 20.83 5.95 -4.36
C VAL A 34 21.28 5.28 -3.07
N ARG A 35 21.04 5.95 -1.94
CA ARG A 35 21.19 5.31 -0.62
C ARG A 35 20.07 5.67 0.36
N PHE A 36 19.89 4.82 1.35
CA PHE A 36 19.19 5.20 2.56
C PHE A 36 19.97 4.69 3.77
N ASP A 37 20.13 5.56 4.77
CA ASP A 37 20.80 5.19 6.02
C ASP A 37 19.98 5.68 7.21
N SER A 38 19.42 4.75 7.98
CA SER A 38 18.61 5.09 9.17
C SER A 38 19.30 5.90 10.28
N ASP A 39 20.62 5.88 10.36
CA ASP A 39 21.31 6.73 11.34
C ASP A 39 21.66 8.13 10.83
N ALA A 40 21.27 8.44 9.60
CA ALA A 40 21.48 9.78 9.02
C ALA A 40 20.32 10.70 9.33
N ALA A 41 20.57 12.01 9.21
CA ALA A 41 19.62 13.06 9.61
C ALA A 41 18.34 13.09 8.77
N SER A 42 18.50 12.97 7.46
CA SER A 42 17.43 13.25 6.50
C SER A 42 16.22 12.31 6.55
N GLN A 43 16.47 11.04 6.88
CA GLN A 43 15.48 9.97 6.79
C GLN A 43 14.86 9.87 5.38
N ARG A 44 15.65 10.10 4.33
CA ARG A 44 15.15 10.05 2.95
C ARG A 44 16.09 9.22 2.11
N MET A 45 15.56 8.67 1.01
CA MET A 45 16.38 8.13 -0.05
C MET A 45 17.14 9.32 -0.66
N GLU A 46 18.48 9.24 -0.68
CA GLU A 46 19.35 10.35 -1.17
C GLU A 46 20.04 10.00 -2.48
N PRO A 47 20.34 10.99 -3.31
CA PRO A 47 21.09 10.61 -4.50
C PRO A 47 22.59 10.34 -4.26
N ARG A 48 23.12 9.40 -5.02
CA ARG A 48 24.55 9.11 -5.05
C ARG A 48 25.14 9.05 -6.48
N ALA A 49 24.38 9.50 -7.47
CA ALA A 49 24.92 9.66 -8.80
C ALA A 49 24.41 11.00 -9.31
N PRO A 50 25.22 11.72 -10.11
CA PRO A 50 24.75 12.97 -10.73
C PRO A 50 23.57 12.81 -11.67
N TRP A 51 23.42 11.65 -12.31
CA TRP A 51 22.37 11.51 -13.32
C TRP A 51 20.98 11.17 -12.77
N ILE A 52 20.90 11.02 -11.45
CA ILE A 52 19.65 10.68 -10.82
C ILE A 52 19.02 11.85 -10.05
N GLU A 53 19.80 12.91 -9.86
CA GLU A 53 19.36 14.20 -9.27
C GLU A 53 18.17 14.85 -9.97
N GLN A 54 18.07 14.65 -11.28
CA GLN A 54 17.05 15.28 -12.13
C GLN A 54 15.64 14.73 -11.91
N GLU A 55 15.51 13.59 -11.23
CA GLU A 55 14.20 13.03 -10.84
C GLU A 55 13.47 13.99 -9.93
N GLY A 56 12.17 14.16 -10.16
CA GLY A 56 11.36 15.08 -9.36
C GLY A 56 10.96 14.59 -7.98
N PRO A 57 10.24 15.43 -7.20
CA PRO A 57 9.83 15.13 -5.83
C PRO A 57 8.92 13.90 -5.66
N GLU A 58 8.13 13.56 -6.68
CA GLU A 58 7.33 12.32 -6.66
C GLU A 58 8.18 11.06 -6.68
N TYR A 59 9.30 11.11 -7.39
CA TYR A 59 10.23 10.02 -7.33
C TYR A 59 10.79 9.89 -5.92
N TRP A 60 11.34 10.98 -5.37
CA TRP A 60 12.00 10.91 -4.07
C TRP A 60 11.11 10.55 -2.87
N ASP A 61 9.89 11.07 -2.85
CA ASP A 61 8.86 10.71 -1.87
C ASP A 61 8.48 9.23 -1.94
N GLY A 62 8.40 8.74 -3.19
CA GLY A 62 7.94 7.41 -3.50
C GLY A 62 9.01 6.46 -3.06
N GLU A 63 10.25 6.77 -3.43
CA GLU A 63 11.38 5.93 -3.07
C GLU A 63 11.60 5.93 -1.54
N THR A 64 11.40 7.07 -0.88
CA THR A 64 11.44 7.16 0.58
C THR A 64 10.38 6.29 1.28
N ARG A 65 9.16 6.31 0.78
CA ARG A 65 8.11 5.46 1.36
C ARG A 65 8.39 3.99 1.20
N LYS A 66 8.81 3.59 0.01
CA LYS A 66 9.10 2.18 -0.26
C LYS A 66 10.23 1.67 0.59
N VAL A 67 11.25 2.52 0.77
CA VAL A 67 12.45 2.12 1.50
C VAL A 67 12.17 2.08 3.01
N LYS A 68 11.39 3.04 3.52
CA LYS A 68 10.97 2.98 4.92
C LYS A 68 10.07 1.77 5.16
N ALA A 69 9.27 1.41 4.16
CA ALA A 69 8.47 0.18 4.25
C ALA A 69 9.33 -1.08 4.24
N HIS A 70 10.44 -1.09 3.47
CA HIS A 70 11.40 -2.21 3.48
C HIS A 70 12.04 -2.38 4.86
N SER A 71 12.39 -1.25 5.43
CA SER A 71 12.86 -1.14 6.81
C SER A 71 11.93 -1.75 7.86
N GLN A 72 10.63 -1.44 7.80
CA GLN A 72 9.71 -2.03 8.77
C GLN A 72 9.53 -3.49 8.59
N THR A 73 9.52 -3.98 7.35
CA THR A 73 9.37 -5.42 7.21
C THR A 73 10.52 -6.18 7.84
N HIS A 74 11.74 -5.66 7.66
CA HIS A 74 12.94 -6.21 8.28
C HIS A 74 12.97 -6.14 9.83
N ARG A 75 12.44 -5.07 10.42
CA ARG A 75 12.27 -4.96 11.87
C ARG A 75 11.43 -6.07 12.44
N VAL A 76 10.35 -6.37 11.74
CA VAL A 76 9.46 -7.47 12.10
C VAL A 76 10.17 -8.79 11.83
N ASP A 77 10.87 -8.87 10.70
CA ASP A 77 11.62 -10.07 10.35
C ASP A 77 12.68 -10.41 11.42
N LEU A 78 13.42 -9.41 11.94
CA LEU A 78 14.43 -9.67 12.96
C LEU A 78 13.84 -10.27 14.23
N GLY A 79 12.70 -9.72 14.65
CA GLY A 79 11.91 -10.27 15.74
C GLY A 79 11.35 -11.62 15.43
N THR A 80 10.90 -11.85 14.20
CA THR A 80 10.28 -13.16 13.83
C THR A 80 11.32 -14.28 13.82
N LEU A 81 12.50 -13.95 13.32
CA LEU A 81 13.58 -14.92 13.15
C LEU A 81 14.26 -15.30 14.45
N ARG A 82 14.40 -14.32 15.35
CA ARG A 82 14.89 -14.51 16.72
C ARG A 82 14.10 -15.60 17.43
N GLY A 83 12.77 -15.51 17.27
CA GLY A 83 11.83 -16.52 17.75
C GLY A 83 11.91 -17.85 17.04
N TYR A 84 12.10 -17.86 15.73
CA TYR A 84 12.14 -19.14 14.97
C TYR A 84 13.32 -19.97 15.35
N TYR A 85 14.44 -19.31 15.65
CA TYR A 85 15.66 -20.00 15.98
C TYR A 85 15.97 -20.03 17.49
N ASN A 86 15.02 -19.54 18.30
CA ASN A 86 15.09 -19.50 19.77
C ASN A 86 16.39 -18.84 20.31
N GLN A 87 16.76 -17.73 19.67
CA GLN A 87 17.94 -17.01 20.08
C GLN A 87 17.57 -16.03 21.18
N SER A 88 18.56 -15.60 21.95
CA SER A 88 18.28 -14.63 23.00
C SER A 88 18.01 -13.25 22.45
N GLU A 89 17.22 -12.49 23.20
CA GLU A 89 16.99 -11.07 23.02
C GLU A 89 18.24 -10.18 23.11
N ALA A 90 19.35 -10.63 23.68
CA ALA A 90 20.48 -9.72 23.93
C ALA A 90 21.43 -9.53 22.73
N GLY A 91 21.41 -10.48 21.80
CA GLY A 91 22.40 -10.54 20.74
C GLY A 91 22.01 -9.85 19.46
N SER A 92 23.03 -9.47 18.70
CA SER A 92 22.83 -8.72 17.48
C SER A 92 22.72 -9.67 16.28
N HIS A 93 21.71 -9.47 15.45
CA HIS A 93 21.51 -10.29 14.27
C HIS A 93 21.34 -9.47 12.99
N THR A 94 21.42 -10.13 11.83
CA THR A 94 21.45 -9.43 10.55
C THR A 94 20.40 -10.03 9.59
N VAL A 95 19.76 -9.16 8.82
CA VAL A 95 18.90 -9.58 7.78
C VAL A 95 19.39 -8.85 6.54
N GLN A 96 19.47 -9.57 5.43
CA GLN A 96 19.98 -9.05 4.16
C GLN A 96 19.03 -9.47 3.03
N ARG A 97 18.70 -8.52 2.17
CA ARG A 97 17.84 -8.80 1.03
C ARG A 97 18.48 -8.20 -0.18
N MET A 98 18.49 -8.94 -1.26
CA MET A 98 19.02 -8.45 -2.51
C MET A 98 18.10 -8.84 -3.66
N TYR A 99 17.66 -7.87 -4.45
CA TYR A 99 16.91 -8.17 -5.68
C TYR A 99 17.30 -7.32 -6.85
N GLY A 100 16.99 -7.83 -8.03
CA GLY A 100 17.03 -6.99 -9.21
C GLY A 100 16.87 -7.72 -10.50
N CYS A 101 17.20 -7.03 -11.59
CA CYS A 101 16.99 -7.56 -12.92
C CYS A 101 18.21 -7.34 -13.83
N ASP A 102 18.39 -8.24 -14.80
CA ASP A 102 19.42 -8.11 -15.81
C ASP A 102 18.75 -7.88 -17.14
N VAL A 103 19.39 -7.11 -18.01
CA VAL A 103 19.00 -6.98 -19.43
C VAL A 103 20.17 -7.26 -20.38
N GLY A 104 19.85 -7.60 -21.63
CA GLY A 104 20.87 -7.87 -22.67
C GLY A 104 21.33 -6.61 -23.38
N SER A 105 22.03 -6.77 -24.50
CA SER A 105 22.54 -5.61 -25.27
C SER A 105 21.47 -4.91 -26.12
N ASP A 106 20.27 -5.53 -26.19
CA ASP A 106 19.07 -4.93 -26.78
C ASP A 106 18.18 -4.27 -25.71
N TRP A 107 18.59 -4.50 -24.46
CA TRP A 107 17.92 -4.05 -23.23
C TRP A 107 16.55 -4.73 -23.01
N ARG A 108 16.35 -5.90 -23.61
CA ARG A 108 15.18 -6.70 -23.32
C ARG A 108 15.52 -7.44 -22.04
N PHE A 109 14.50 -7.77 -21.24
CA PHE A 109 14.62 -8.60 -20.04
C PHE A 109 15.46 -9.86 -20.25
N LEU A 110 16.33 -10.15 -19.29
CA LEU A 110 17.17 -11.32 -19.39
C LEU A 110 16.92 -12.26 -18.21
N ARG A 111 16.84 -11.70 -17.01
CA ARG A 111 16.94 -12.48 -15.79
C ARG A 111 16.44 -11.66 -14.61
N GLY A 112 15.86 -12.34 -13.62
CA GLY A 112 15.41 -11.70 -12.39
C GLY A 112 15.79 -12.56 -11.21
N TYR A 113 15.92 -11.93 -10.03
CA TYR A 113 16.41 -12.61 -8.82
C TYR A 113 16.02 -11.85 -7.56
N HIS A 114 15.86 -12.58 -6.45
CA HIS A 114 15.48 -12.02 -5.17
C HIS A 114 16.00 -13.02 -4.14
N GLN A 115 17.03 -12.63 -3.38
CA GLN A 115 17.58 -13.51 -2.33
C GLN A 115 17.51 -12.90 -0.94
N TYR A 116 17.28 -13.75 0.05
CA TYR A 116 17.12 -13.29 1.41
C TYR A 116 18.06 -14.09 2.29
N ALA A 117 18.72 -13.41 3.23
CA ALA A 117 19.61 -14.08 4.16
C ALA A 117 19.42 -13.66 5.60
N TYR A 118 19.62 -14.63 6.49
CA TYR A 118 19.64 -14.40 7.92
C TYR A 118 21.01 -14.74 8.44
N ASP A 119 21.65 -13.78 9.12
CA ASP A 119 22.99 -13.92 9.71
C ASP A 119 24.09 -14.38 8.75
N GLY A 120 24.02 -13.92 7.51
CA GLY A 120 25.02 -14.27 6.52
C GLY A 120 24.77 -15.58 5.81
N LYS A 121 23.70 -16.28 6.15
CA LYS A 121 23.32 -17.53 5.48
C LYS A 121 21.99 -17.39 4.75
N ASP A 122 21.93 -17.97 3.54
CA ASP A 122 20.71 -18.13 2.73
C ASP A 122 19.52 -18.58 3.54
N TYR A 123 18.40 -17.91 3.35
CA TYR A 123 17.20 -18.22 4.10
C TYR A 123 16.13 -18.70 3.14
N ILE A 124 15.74 -17.83 2.22
CA ILE A 124 14.75 -18.13 1.22
C ILE A 124 15.13 -17.32 -0.01
N ALA A 125 14.95 -17.88 -1.19
CA ALA A 125 15.29 -17.16 -2.41
C ALA A 125 14.21 -17.46 -3.45
N LEU A 126 14.05 -16.56 -4.40
CA LEU A 126 13.17 -16.81 -5.52
C LEU A 126 13.90 -17.68 -6.55
N LYS A 127 13.29 -18.80 -6.95
CA LYS A 127 13.80 -19.65 -8.05
C LYS A 127 13.78 -18.91 -9.38
N GLU A 128 14.59 -19.35 -10.34
CA GLU A 128 14.91 -18.57 -11.54
C GLU A 128 13.74 -18.28 -12.50
N ASP A 129 12.80 -19.22 -12.55
CA ASP A 129 11.56 -19.07 -13.33
C ASP A 129 10.59 -18.02 -12.77
N LEU A 130 10.90 -17.57 -11.54
CA LEU A 130 10.26 -16.49 -10.80
C LEU A 130 8.86 -16.84 -10.34
N ARG A 131 8.65 -18.11 -10.01
CA ARG A 131 7.32 -18.65 -9.70
C ARG A 131 7.27 -19.50 -8.43
N SER A 132 8.42 -19.81 -7.86
CA SER A 132 8.47 -20.63 -6.64
C SER A 132 9.62 -20.23 -5.74
N TRP A 133 9.76 -20.92 -4.62
CA TRP A 133 10.72 -20.55 -3.59
C TRP A 133 11.59 -21.73 -3.12
N THR A 134 12.88 -21.44 -2.89
CA THR A 134 13.77 -22.39 -2.24
C THR A 134 13.83 -22.07 -0.77
N ALA A 135 13.44 -23.03 0.06
CA ALA A 135 13.54 -22.89 1.51
C ALA A 135 14.57 -23.84 2.13
N ALA A 136 15.61 -23.28 2.71
CA ALA A 136 16.77 -24.03 3.21
C ALA A 136 16.57 -24.94 4.46
N ASP A 137 15.64 -24.59 5.34
CA ASP A 137 15.50 -25.24 6.65
C ASP A 137 14.03 -25.23 7.09
N MET A 138 13.79 -25.63 8.33
CA MET A 138 12.44 -25.73 8.88
C MET A 138 11.69 -24.41 9.07
N ALA A 139 12.43 -23.39 9.48
CA ALA A 139 11.87 -22.09 9.74
C ALA A 139 11.58 -21.36 8.44
N ALA A 140 12.42 -21.60 7.43
CA ALA A 140 12.24 -21.02 6.08
C ALA A 140 11.06 -21.62 5.33
N GLN A 141 10.73 -22.86 5.68
CA GLN A 141 9.58 -23.57 5.14
C GLN A 141 8.26 -22.92 5.56
N THR A 142 8.20 -22.45 6.81
CA THR A 142 7.09 -21.66 7.37
C THR A 142 6.92 -20.34 6.59
N THR A 143 8.04 -19.69 6.29
CA THR A 143 8.07 -18.49 5.46
C THR A 143 7.60 -18.76 4.03
N LYS A 144 7.98 -19.91 3.49
CA LYS A 144 7.65 -20.27 2.13
C LYS A 144 6.14 -20.47 2.02
N HIS A 145 5.54 -21.15 3.01
CA HIS A 145 4.10 -21.40 3.05
C HIS A 145 3.27 -20.14 3.22
N LYS A 146 3.80 -19.21 4.03
CA LYS A 146 3.20 -17.91 4.20
C LYS A 146 3.23 -17.14 2.89
N TRP A 147 4.37 -17.19 2.18
CA TRP A 147 4.54 -16.38 0.96
C TRP A 147 3.82 -16.96 -0.23
N GLU A 148 3.61 -18.27 -0.20
CA GLU A 148 2.77 -18.94 -1.17
C GLU A 148 1.29 -18.56 -1.02
N ALA A 149 0.83 -18.49 0.24
CA ALA A 149 -0.57 -18.18 0.58
C ALA A 149 -0.93 -16.72 0.30
N ALA A 150 0.07 -15.84 0.33
CA ALA A 150 -0.14 -14.43 0.01
C ALA A 150 0.16 -14.10 -1.45
N HIS A 151 0.57 -15.11 -2.22
CA HIS A 151 0.93 -15.03 -3.65
C HIS A 151 1.98 -13.97 -3.97
N VAL A 152 3.10 -14.02 -3.23
CA VAL A 152 4.15 -12.99 -3.26
C VAL A 152 4.97 -13.06 -4.53
N ALA A 153 5.27 -14.28 -4.99
CA ALA A 153 6.01 -14.50 -6.25
C ALA A 153 5.44 -13.73 -7.44
N GLU A 154 4.12 -13.78 -7.59
CA GLU A 154 3.38 -13.07 -8.65
C GLU A 154 3.65 -11.55 -8.65
N GLN A 155 3.66 -10.95 -7.47
CA GLN A 155 3.89 -9.51 -7.36
C GLN A 155 5.32 -9.18 -7.66
N LEU A 156 6.24 -10.04 -7.20
CA LEU A 156 7.66 -9.85 -7.45
C LEU A 156 8.03 -9.97 -8.91
N ARG A 157 7.54 -11.02 -9.56
CA ARG A 157 7.76 -11.26 -10.98
C ARG A 157 7.30 -10.08 -11.82
N ALA A 158 6.15 -9.50 -11.45
CA ALA A 158 5.62 -8.29 -12.08
C ALA A 158 6.57 -7.10 -11.95
N TYR A 159 7.11 -6.88 -10.76
CA TYR A 159 8.12 -5.85 -10.57
C TYR A 159 9.38 -6.16 -11.41
N LEU A 160 9.93 -7.37 -11.21
CA LEU A 160 11.15 -7.81 -11.88
C LEU A 160 11.13 -7.81 -13.41
N GLU A 161 9.97 -8.12 -14.02
CA GLU A 161 9.88 -8.19 -15.48
C GLU A 161 9.39 -6.91 -16.13
N GLY A 162 8.74 -6.04 -15.35
CA GLY A 162 8.19 -4.81 -15.88
C GLY A 162 8.93 -3.59 -15.37
N THR A 163 8.53 -3.14 -14.19
CA THR A 163 9.00 -1.92 -13.56
C THR A 163 10.53 -1.77 -13.48
N CYS A 164 11.19 -2.81 -12.97
CA CYS A 164 12.66 -2.91 -12.84
C CYS A 164 13.38 -2.71 -14.16
N VAL A 165 13.01 -3.45 -15.21
CA VAL A 165 13.64 -3.27 -16.52
C VAL A 165 13.37 -1.92 -17.18
N GLU A 166 12.18 -1.34 -16.97
CA GLU A 166 11.83 -0.02 -17.52
C GLU A 166 12.64 1.10 -16.85
N TRP A 167 12.80 1.02 -15.53
CA TRP A 167 13.62 1.99 -14.79
C TRP A 167 15.12 1.79 -15.09
N LEU A 168 15.56 0.54 -15.22
CA LEU A 168 16.89 0.26 -15.76
C LEU A 168 17.08 0.93 -17.14
N ARG A 169 16.14 0.72 -18.05
CA ARG A 169 16.20 1.36 -19.37
C ARG A 169 16.34 2.89 -19.31
N ARG A 170 15.50 3.51 -18.49
CA ARG A 170 15.51 4.95 -18.25
C ARG A 170 16.86 5.48 -17.67
N TYR A 171 17.41 4.77 -16.67
CA TYR A 171 18.70 5.15 -16.03
C TYR A 171 19.85 5.05 -17.01
N LEU A 172 19.84 3.98 -17.80
CA LEU A 172 20.85 3.76 -18.82
C LEU A 172 20.92 4.85 -19.88
N GLU A 173 19.79 5.41 -20.29
CA GLU A 173 19.83 6.54 -21.19
C GLU A 173 20.12 7.84 -20.46
N ASN A 174 19.60 8.00 -19.24
CA ASN A 174 19.88 9.23 -18.49
C ASN A 174 21.35 9.34 -18.08
N GLY A 175 21.95 8.23 -17.67
CA GLY A 175 23.36 8.24 -17.31
C GLY A 175 24.29 7.68 -18.36
N LYS A 176 24.00 7.99 -19.62
CA LYS A 176 24.63 7.37 -20.79
C LYS A 176 26.16 7.34 -20.76
N GLU A 177 26.77 8.53 -20.68
CA GLU A 177 28.21 8.76 -20.60
C GLU A 177 28.96 7.86 -19.61
N THR A 178 28.44 7.75 -18.40
CA THR A 178 29.12 6.92 -17.39
C THR A 178 28.62 5.48 -17.26
N LEU A 179 27.34 5.24 -17.52
CA LEU A 179 26.82 3.88 -17.38
C LEU A 179 27.14 2.96 -18.57
N GLN A 180 27.10 3.49 -19.79
CA GLN A 180 27.37 2.63 -20.95
C GLN A 180 28.83 2.62 -21.40
N ARG A 181 29.73 3.10 -20.54
CA ARG A 181 31.14 3.11 -20.88
C ARG A 181 31.83 1.77 -20.61
N THR A 182 32.95 1.58 -21.27
CA THR A 182 33.89 0.53 -20.92
C THR A 182 35.25 1.21 -20.84
N ASP A 183 35.90 1.08 -19.70
CA ASP A 183 37.27 1.56 -19.57
C ASP A 183 38.18 0.34 -19.53
N ALA A 184 39.09 0.25 -20.49
CA ALA A 184 40.07 -0.84 -20.56
C ALA A 184 41.09 -0.66 -19.47
N PRO A 185 41.48 -1.78 -18.82
CA PRO A 185 42.57 -1.81 -17.87
C PRO A 185 43.86 -1.27 -18.45
N LYS A 186 44.57 -0.47 -17.67
CA LYS A 186 45.96 -0.09 -17.94
C LYS A 186 46.89 -1.16 -17.33
N THR A 187 47.55 -1.93 -18.17
CA THR A 187 48.30 -3.07 -17.67
C THR A 187 49.81 -2.82 -17.51
N HIS A 188 50.35 -3.25 -16.37
CA HIS A 188 51.80 -3.34 -16.17
C HIS A 188 52.18 -4.52 -15.27
N MET A 189 53.46 -4.82 -15.21
CA MET A 189 53.96 -5.94 -14.44
C MET A 189 55.07 -5.50 -13.50
N THR A 190 55.13 -6.11 -12.32
CA THR A 190 56.18 -5.83 -11.34
C THR A 190 56.93 -7.10 -10.97
N HIS A 191 58.14 -6.93 -10.43
CA HIS A 191 59.01 -8.04 -10.06
C HIS A 191 59.58 -7.77 -8.67
N HIS A 192 59.59 -8.80 -7.83
CA HIS A 192 60.19 -8.70 -6.48
C HIS A 192 61.04 -9.92 -6.14
N ALA A 193 62.27 -9.67 -5.69
CA ALA A 193 63.15 -10.73 -5.21
C ALA A 193 62.71 -11.18 -3.82
N VAL A 194 62.10 -12.37 -3.74
CA VAL A 194 61.77 -12.97 -2.44
C VAL A 194 63.04 -13.54 -1.79
N SER A 195 63.67 -14.48 -2.50
CA SER A 195 64.94 -15.06 -2.08
C SER A 195 65.93 -14.88 -3.22
N ASP A 196 66.94 -15.74 -3.25
CA ASP A 196 67.78 -15.87 -4.42
C ASP A 196 67.25 -17.03 -5.27
N HIS A 197 66.27 -17.75 -4.72
CA HIS A 197 65.72 -18.96 -5.34
C HIS A 197 64.30 -18.75 -5.84
N GLU A 198 63.59 -17.83 -5.21
CA GLU A 198 62.18 -17.57 -5.49
C GLU A 198 62.01 -16.12 -5.94
N ALA A 199 61.01 -15.86 -6.77
CA ALA A 199 60.66 -14.51 -7.18
C ALA A 199 59.16 -14.36 -7.37
N THR A 200 58.65 -13.16 -7.15
CA THR A 200 57.23 -12.87 -7.35
C THR A 200 57.00 -11.92 -8.53
N LEU A 201 56.18 -12.37 -9.47
CA LEU A 201 55.72 -11.53 -10.59
C LEU A 201 54.30 -11.12 -10.31
N ARG A 202 54.04 -9.81 -10.37
CA ARG A 202 52.70 -9.29 -10.13
C ARG A 202 52.14 -8.57 -11.37
N CYS A 203 50.96 -8.99 -11.78
CA CYS A 203 50.29 -8.53 -12.99
C CYS A 203 49.19 -7.54 -12.57
N TRP A 204 49.33 -6.28 -12.96
CA TRP A 204 48.42 -5.22 -12.54
C TRP A 204 47.40 -4.80 -13.59
N ALA A 205 46.16 -4.58 -13.16
CA ALA A 205 45.14 -3.98 -14.00
C ALA A 205 44.55 -2.76 -13.28
N LEU A 206 44.66 -1.59 -13.91
CA LEU A 206 44.27 -0.33 -13.26
C LEU A 206 43.30 0.44 -14.14
N SER A 207 42.53 1.35 -13.52
CA SER A 207 41.57 2.24 -14.20
C SER A 207 40.52 1.57 -15.08
N PHE A 208 39.93 0.48 -14.62
CA PHE A 208 38.94 -0.20 -15.47
C PHE A 208 37.50 -0.12 -14.98
N TYR A 209 36.58 -0.14 -15.94
CA TYR A 209 35.15 -0.23 -15.69
C TYR A 209 34.55 -1.03 -16.84
N PRO A 210 33.62 -1.96 -16.57
CA PRO A 210 33.09 -2.46 -15.30
C PRO A 210 34.10 -3.27 -14.52
N ALA A 211 33.80 -3.56 -13.26
CA ALA A 211 34.69 -4.30 -12.35
C ALA A 211 34.99 -5.75 -12.73
N GLU A 212 34.16 -6.34 -13.60
CA GLU A 212 34.31 -7.73 -14.03
C GLU A 212 35.55 -7.85 -14.90
N ILE A 213 36.50 -8.64 -14.43
CA ILE A 213 37.80 -8.81 -15.08
C ILE A 213 38.30 -10.20 -14.72
N THR A 214 39.15 -10.75 -15.57
CA THR A 214 39.71 -12.09 -15.40
C THR A 214 41.22 -11.97 -15.53
N LEU A 215 41.93 -12.45 -14.51
CA LEU A 215 43.39 -12.48 -14.54
C LEU A 215 43.89 -13.90 -14.29
N THR A 216 44.67 -14.40 -15.24
CA THR A 216 45.12 -15.79 -15.24
C THR A 216 46.63 -15.85 -15.48
N TRP A 217 47.29 -16.81 -14.85
CA TRP A 217 48.71 -17.05 -15.10
C TRP A 217 48.96 -18.33 -15.89
N GLN A 218 49.78 -18.20 -16.92
CA GLN A 218 50.05 -19.28 -17.86
C GLN A 218 51.54 -19.60 -17.83
N ARG A 219 51.87 -20.90 -17.91
CA ARG A 219 53.27 -21.33 -18.06
C ARG A 219 53.48 -22.21 -19.29
N ASP A 220 54.25 -21.67 -20.24
CA ASP A 220 54.52 -22.27 -21.56
C ASP A 220 53.26 -22.54 -22.42
N GLY A 221 52.23 -21.73 -22.23
CA GLY A 221 50.97 -21.93 -22.94
C GLY A 221 49.91 -22.68 -22.16
N GLU A 222 50.33 -23.45 -21.16
CA GLU A 222 49.42 -24.21 -20.30
C GLU A 222 49.19 -23.41 -19.04
N ASP A 223 47.93 -23.11 -18.72
CA ASP A 223 47.63 -22.29 -17.55
C ASP A 223 47.76 -23.06 -16.24
N GLN A 224 48.26 -22.36 -15.22
CA GLN A 224 48.35 -22.97 -13.89
C GLN A 224 47.99 -22.02 -12.77
N THR A 225 47.36 -22.59 -11.75
CA THR A 225 46.72 -21.86 -10.68
C THR A 225 47.32 -22.23 -9.31
N GLN A 226 48.25 -23.19 -9.30
CA GLN A 226 48.78 -23.79 -8.06
C GLN A 226 49.63 -22.87 -7.18
N ASP A 227 50.32 -21.91 -7.81
CA ASP A 227 51.06 -20.90 -7.05
C ASP A 227 50.52 -19.48 -7.31
N THR A 228 49.23 -19.40 -7.66
CA THR A 228 48.56 -18.14 -8.00
C THR A 228 47.86 -17.51 -6.78
N GLU A 229 47.97 -16.19 -6.66
CA GLU A 229 47.25 -15.40 -5.67
C GLU A 229 46.51 -14.22 -6.34
N LEU A 230 45.22 -14.07 -6.03
CA LEU A 230 44.35 -13.10 -6.66
C LEU A 230 43.69 -12.26 -5.57
N VAL A 231 43.84 -10.93 -5.60
CA VAL A 231 43.09 -10.09 -4.66
C VAL A 231 41.71 -9.77 -5.19
N GLU A 232 40.78 -9.47 -4.28
CA GLU A 232 39.50 -8.87 -4.62
C GLU A 232 39.71 -7.57 -5.37
N THR A 233 38.94 -7.42 -6.45
CA THR A 233 38.81 -6.20 -7.22
C THR A 233 38.36 -5.10 -6.26
N ARG A 234 39.01 -3.95 -6.38
CA ARG A 234 38.85 -2.89 -5.42
C ARG A 234 38.53 -1.60 -6.16
N PRO A 235 37.70 -0.74 -5.55
CA PRO A 235 37.36 0.51 -6.17
C PRO A 235 38.50 1.51 -6.05
N ALA A 236 38.73 2.30 -7.08
CA ALA A 236 39.75 3.34 -6.98
C ALA A 236 39.17 4.55 -6.27
N GLY A 237 37.86 4.76 -6.42
CA GLY A 237 37.14 5.83 -5.72
C GLY A 237 36.68 6.87 -6.70
N ASP A 238 36.97 6.63 -7.98
CA ASP A 238 36.66 7.57 -9.07
C ASP A 238 35.75 6.93 -10.13
N GLY A 239 35.11 5.82 -9.74
CA GLY A 239 34.26 5.02 -10.62
C GLY A 239 35.03 3.94 -11.40
N THR A 240 36.34 3.87 -11.24
CA THR A 240 37.09 2.80 -11.85
C THR A 240 37.56 1.80 -10.79
N PHE A 241 38.07 0.67 -11.26
CA PHE A 241 38.42 -0.44 -10.41
C PHE A 241 39.89 -0.87 -10.62
N GLN A 242 40.42 -1.63 -9.67
CA GLN A 242 41.83 -2.10 -9.70
C GLN A 242 41.92 -3.57 -9.30
N LYS A 243 42.85 -4.32 -9.87
CA LYS A 243 43.08 -5.73 -9.46
C LYS A 243 44.49 -6.17 -9.79
N TRP A 244 45.05 -7.01 -8.93
CA TRP A 244 46.23 -7.77 -9.28
C TRP A 244 46.15 -9.27 -9.08
N ALA A 245 47.02 -9.95 -9.80
CA ALA A 245 47.24 -11.37 -9.64
C ALA A 245 48.75 -11.63 -9.60
N ALA A 246 49.18 -12.55 -8.73
CA ALA A 246 50.60 -12.84 -8.57
C ALA A 246 50.95 -14.32 -8.56
N VAL A 247 52.15 -14.62 -9.05
CA VAL A 247 52.74 -15.98 -8.95
C VAL A 247 54.10 -16.00 -8.30
N VAL A 248 54.35 -17.07 -7.57
CA VAL A 248 55.66 -17.34 -7.00
C VAL A 248 56.36 -18.30 -7.95
N VAL A 249 57.55 -17.89 -8.39
CA VAL A 249 58.23 -18.44 -9.56
C VAL A 249 59.70 -18.73 -9.16
N PRO A 250 60.28 -19.87 -9.64
CA PRO A 250 61.74 -20.02 -9.53
C PRO A 250 62.44 -18.96 -10.38
N SER A 251 63.27 -18.13 -9.74
CA SER A 251 63.97 -17.00 -10.40
C SER A 251 64.89 -17.51 -11.50
N GLY A 252 64.94 -16.79 -12.62
CA GLY A 252 65.57 -17.32 -13.83
C GLY A 252 64.54 -17.78 -14.85
N GLN A 253 63.46 -18.37 -14.35
CA GLN A 253 62.41 -18.90 -15.20
C GLN A 253 61.27 -17.93 -15.44
N GLU A 254 61.48 -16.64 -15.14
CA GLU A 254 60.47 -15.56 -15.35
C GLU A 254 59.99 -15.42 -16.80
N GLN A 255 60.83 -15.84 -17.74
CA GLN A 255 60.52 -15.94 -19.16
C GLN A 255 59.40 -16.93 -19.49
N ARG A 256 59.22 -17.96 -18.66
CA ARG A 256 58.20 -19.00 -18.88
C ARG A 256 56.76 -18.58 -18.60
N TYR A 257 56.58 -17.46 -17.90
CA TYR A 257 55.28 -17.09 -17.36
C TYR A 257 54.68 -15.86 -18.03
N THR A 258 53.43 -16.03 -18.47
CA THR A 258 52.63 -14.96 -19.08
C THR A 258 51.32 -14.74 -18.35
N CYS A 259 50.95 -13.47 -18.21
CA CYS A 259 49.69 -13.09 -17.60
C CYS A 259 48.68 -12.72 -18.67
N HIS A 260 47.46 -13.24 -18.52
CA HIS A 260 46.42 -13.04 -19.52
C HIS A 260 45.28 -12.21 -18.96
N VAL A 261 44.99 -11.09 -19.62
CA VAL A 261 43.99 -10.15 -19.14
C VAL A 261 42.73 -10.19 -20.03
N GLN A 262 41.59 -10.50 -19.42
CA GLN A 262 40.28 -10.48 -20.11
C GLN A 262 39.29 -9.48 -19.50
N HIS A 263 38.77 -8.60 -20.35
CA HIS A 263 37.85 -7.53 -19.94
C HIS A 263 37.06 -7.15 -21.17
N GLU A 264 35.82 -6.68 -21.00
CA GLU A 264 34.98 -6.36 -22.18
C GLU A 264 35.40 -5.06 -22.91
N GLY A 265 36.26 -4.27 -22.25
CA GLY A 265 36.94 -3.13 -22.88
C GLY A 265 38.20 -3.48 -23.66
N LEU A 266 38.55 -4.77 -23.73
CA LEU A 266 39.62 -5.26 -24.59
C LEU A 266 39.04 -5.95 -25.82
N PRO A 267 39.34 -5.42 -27.03
CA PRO A 267 38.95 -6.06 -28.30
C PRO A 267 39.58 -7.45 -28.48
N LYS A 268 40.86 -7.57 -28.08
CA LYS A 268 41.57 -8.84 -28.04
C LYS A 268 42.12 -8.96 -26.63
N PRO A 269 42.13 -10.18 -26.05
CA PRO A 269 42.75 -10.42 -24.73
C PRO A 269 44.25 -10.08 -24.71
N LEU A 270 44.72 -9.47 -23.62
CA LEU A 270 46.11 -9.03 -23.52
C LEU A 270 47.04 -10.07 -22.92
N THR A 271 48.24 -10.17 -23.50
CA THR A 271 49.28 -11.01 -22.96
C THR A 271 50.35 -10.11 -22.39
N LEU A 272 51.06 -10.60 -21.38
CA LEU A 272 52.01 -9.80 -20.65
C LEU A 272 53.09 -10.71 -20.07
N ARG A 273 54.34 -10.47 -20.45
CA ARG A 273 55.47 -11.23 -19.92
C ARG A 273 56.63 -10.34 -19.46
N TRP A 274 57.38 -10.81 -18.47
CA TRP A 274 58.54 -10.10 -17.98
C TRP A 274 59.69 -10.37 -18.96
N GLU A 275 60.13 -9.30 -19.64
CA GLU A 275 61.05 -9.41 -20.81
C GLU A 275 62.42 -10.01 -20.49
N MET B 1 24.49 -18.40 12.02
CA MET B 1 25.41 -17.30 12.45
C MET B 1 26.85 -17.56 11.97
N ILE B 2 27.32 -16.82 10.98
CA ILE B 2 28.65 -17.06 10.41
C ILE B 2 29.50 -15.79 10.44
N GLN B 3 30.74 -15.94 10.92
CA GLN B 3 31.67 -14.81 11.06
C GLN B 3 32.91 -14.88 10.13
N ARG B 4 33.14 -13.80 9.40
CA ARG B 4 34.14 -13.79 8.34
C ARG B 4 35.14 -12.65 8.55
N THR B 5 36.43 -12.97 8.52
CA THR B 5 37.51 -12.00 8.75
C THR B 5 37.60 -11.00 7.60
N PRO B 6 37.81 -9.71 7.90
CA PRO B 6 38.00 -8.72 6.84
C PRO B 6 39.32 -8.86 6.10
N LYS B 7 39.28 -8.75 4.79
CA LYS B 7 40.48 -8.72 3.97
C LYS B 7 40.74 -7.26 3.66
N ILE B 8 41.96 -6.82 3.94
CA ILE B 8 42.26 -5.39 4.00
C ILE B 8 43.26 -5.02 2.89
N GLN B 9 42.93 -3.98 2.11
CA GLN B 9 43.88 -3.42 1.16
C GLN B 9 44.13 -1.92 1.38
N VAL B 10 45.40 -1.51 1.51
CA VAL B 10 45.75 -0.09 1.58
C VAL B 10 46.50 0.27 0.31
N TYR B 11 46.05 1.35 -0.34
CA TYR B 11 46.53 1.73 -1.67
C TYR B 11 46.05 3.12 -2.02
N SER B 12 46.68 3.74 -3.00
CA SER B 12 46.25 5.05 -3.45
C SER B 12 45.29 4.95 -4.64
N ARG B 13 44.55 6.03 -4.89
CA ARG B 13 43.59 6.10 -5.99
C ARG B 13 44.29 6.18 -7.35
N HIS B 14 45.26 7.10 -7.45
CA HIS B 14 46.05 7.28 -8.65
C HIS B 14 47.45 6.72 -8.35
N PRO B 15 48.29 6.45 -9.39
CA PRO B 15 49.68 6.07 -9.05
C PRO B 15 50.44 7.25 -8.44
N ALA B 16 51.18 6.96 -7.38
CA ALA B 16 51.66 7.97 -6.45
C ALA B 16 53.02 8.57 -6.80
N GLU B 17 53.01 9.88 -7.07
CA GLU B 17 54.23 10.68 -7.08
C GLU B 17 54.24 11.70 -5.92
N ASN B 18 55.44 11.93 -5.38
CA ASN B 18 55.65 12.79 -4.21
C ASN B 18 55.32 14.26 -4.40
N GLY B 19 54.51 14.79 -3.49
CA GLY B 19 54.11 16.19 -3.51
C GLY B 19 52.97 16.48 -4.45
N LYS B 20 52.20 15.45 -4.81
CA LYS B 20 51.00 15.60 -5.64
C LYS B 20 49.78 15.02 -4.91
N SER B 21 48.69 15.78 -4.86
CA SER B 21 47.51 15.35 -4.11
C SER B 21 46.84 14.14 -4.72
N ASN B 22 46.44 13.24 -3.84
CA ASN B 22 45.94 11.95 -4.22
C ASN B 22 44.87 11.59 -3.21
N PHE B 23 44.40 10.36 -3.24
CA PHE B 23 43.49 9.88 -2.24
C PHE B 23 44.06 8.59 -1.70
N LEU B 24 44.02 8.42 -0.38
CA LEU B 24 44.45 7.19 0.28
C LEU B 24 43.24 6.31 0.61
N ASN B 25 43.27 5.06 0.17
CA ASN B 25 42.16 4.13 0.35
C ASN B 25 42.50 2.98 1.26
N CYS B 26 41.57 2.69 2.15
CA CYS B 26 41.53 1.41 2.83
C CYS B 26 40.21 0.68 2.49
N TYR B 27 40.35 -0.44 1.79
CA TYR B 27 39.20 -1.21 1.39
C TYR B 27 39.15 -2.49 2.23
N VAL B 28 38.03 -2.69 2.92
CA VAL B 28 37.82 -3.89 3.73
C VAL B 28 36.72 -4.69 3.10
N SER B 29 36.91 -5.98 2.93
CA SER B 29 35.93 -6.76 2.22
C SER B 29 35.89 -8.17 2.76
N GLY B 30 34.85 -8.91 2.38
CA GLY B 30 34.74 -10.29 2.77
C GLY B 30 34.36 -10.54 4.22
N PHE B 31 33.75 -9.55 4.89
CA PHE B 31 33.49 -9.63 6.33
C PHE B 31 32.05 -9.81 6.76
N HIS B 32 31.85 -10.43 7.92
CA HIS B 32 30.53 -10.63 8.52
C HIS B 32 30.75 -10.83 10.02
N PRO B 33 29.94 -10.18 10.90
CA PRO B 33 28.86 -9.20 10.67
C PRO B 33 29.39 -7.81 10.30
N SER B 34 28.50 -6.85 10.16
CA SER B 34 28.84 -5.59 9.52
C SER B 34 29.52 -4.58 10.44
N ASP B 35 29.46 -4.78 11.75
CA ASP B 35 30.12 -3.88 12.69
C ASP B 35 31.64 -3.98 12.56
N ILE B 36 32.26 -2.84 12.29
CA ILE B 36 33.67 -2.79 11.98
C ILE B 36 34.19 -1.39 12.36
N GLU B 37 35.43 -1.35 12.84
CA GLU B 37 36.06 -0.11 13.26
C GLU B 37 37.28 0.03 12.38
N VAL B 38 37.26 1.04 11.50
CA VAL B 38 38.36 1.27 10.57
C VAL B 38 38.89 2.69 10.77
N ASP B 39 40.19 2.82 10.98
CA ASP B 39 40.84 4.12 11.03
C ASP B 39 41.97 4.22 10.02
N LEU B 40 42.23 5.44 9.55
CA LEU B 40 43.42 5.69 8.73
C LEU B 40 44.48 6.47 9.51
N LEU B 41 45.73 6.03 9.37
CA LEU B 41 46.82 6.55 10.20
C LEU B 41 47.89 7.26 9.39
N LYS B 42 48.39 8.37 9.96
CA LYS B 42 49.50 9.12 9.40
C LYS B 42 50.54 9.20 10.49
N ASN B 43 51.69 8.56 10.23
CA ASN B 43 52.78 8.33 11.20
C ASN B 43 52.34 7.67 12.51
N GLY B 44 51.39 6.73 12.38
CA GLY B 44 50.80 6.05 13.53
C GLY B 44 49.79 6.86 14.33
N GLU B 45 49.31 7.97 13.78
CA GLU B 45 48.26 8.74 14.44
C GLU B 45 47.05 8.94 13.51
N ARG B 46 45.86 8.90 14.10
CA ARG B 46 44.57 8.88 13.39
C ARG B 46 44.27 10.15 12.57
N ILE B 47 43.91 9.96 11.31
CA ILE B 47 43.44 11.04 10.45
C ILE B 47 41.95 11.26 10.69
N GLU B 48 41.56 12.51 10.98
CA GLU B 48 40.21 12.83 11.44
C GLU B 48 39.19 12.89 10.30
N LYS B 49 39.46 13.72 9.30
CA LYS B 49 38.53 13.92 8.17
C LYS B 49 38.64 12.75 7.20
N VAL B 50 37.83 11.71 7.44
CA VAL B 50 37.88 10.44 6.70
C VAL B 50 36.47 9.96 6.39
N GLU B 51 36.16 9.80 5.10
CA GLU B 51 34.85 9.38 4.67
C GLU B 51 34.80 7.90 4.37
N HIS B 52 33.58 7.35 4.29
CA HIS B 52 33.36 5.97 3.87
C HIS B 52 32.18 5.81 2.92
N SER B 53 32.16 4.67 2.22
CA SER B 53 31.10 4.34 1.31
C SER B 53 29.91 3.74 2.09
N ASP B 54 28.76 3.67 1.43
CA ASP B 54 27.59 3.06 2.02
C ASP B 54 27.75 1.54 2.00
N LEU B 55 27.51 0.91 3.15
CA LEU B 55 27.55 -0.52 3.34
C LEU B 55 26.77 -1.28 2.29
N SER B 56 27.49 -2.18 1.61
CA SER B 56 26.90 -3.03 0.57
C SER B 56 27.48 -4.42 0.74
N PHE B 57 27.06 -5.38 -0.10
CA PHE B 57 27.51 -6.78 0.08
C PHE B 57 27.68 -7.55 -1.22
N SER B 58 28.35 -8.70 -1.15
CA SER B 58 28.62 -9.48 -2.32
C SER B 58 27.70 -10.67 -2.41
N LYS B 59 27.83 -11.43 -3.50
CA LYS B 59 27.09 -12.64 -3.78
C LYS B 59 27.08 -13.64 -2.61
N ASP B 60 28.17 -13.69 -1.84
CA ASP B 60 28.27 -14.61 -0.70
C ASP B 60 27.74 -14.06 0.63
N TRP B 61 27.13 -12.88 0.58
CA TRP B 61 26.55 -12.14 1.71
C TRP B 61 27.50 -11.33 2.57
N SER B 62 28.79 -11.35 2.26
CA SER B 62 29.77 -10.68 3.08
C SER B 62 29.91 -9.22 2.67
N PHE B 63 30.22 -8.37 3.63
CA PHE B 63 30.17 -6.93 3.43
C PHE B 63 31.43 -6.37 2.81
N TYR B 64 31.30 -5.18 2.24
CA TYR B 64 32.45 -4.42 1.78
C TYR B 64 32.28 -2.92 2.01
N LEU B 65 33.40 -2.26 2.27
CA LEU B 65 33.41 -0.86 2.63
C LEU B 65 34.71 -0.25 2.15
N LEU B 66 34.60 0.93 1.53
CA LEU B 66 35.75 1.76 1.19
C LEU B 66 35.88 2.97 2.11
N TYR B 67 37.00 3.04 2.85
CA TYR B 67 37.34 4.23 3.61
C TYR B 67 38.44 5.02 2.92
N TYR B 68 38.25 6.33 2.81
CA TYR B 68 39.13 7.15 2.00
C TYR B 68 39.30 8.55 2.52
N THR B 69 40.46 9.14 2.23
CA THR B 69 40.73 10.54 2.54
C THR B 69 41.68 11.14 1.52
N GLU B 70 41.54 12.45 1.30
CA GLU B 70 42.45 13.22 0.44
C GLU B 70 43.80 13.38 1.14
N PHE B 71 44.87 13.01 0.47
CA PHE B 71 46.21 13.17 1.05
C PHE B 71 47.23 13.61 0.02
N THR B 72 48.46 13.90 0.48
CA THR B 72 49.59 14.25 -0.38
C THR B 72 50.85 13.54 0.14
N PRO B 73 51.33 12.52 -0.62
CA PRO B 73 52.42 11.65 -0.19
C PRO B 73 53.83 12.26 -0.30
N THR B 74 54.70 11.83 0.61
CA THR B 74 56.13 12.17 0.58
C THR B 74 56.93 10.87 0.75
N GLU B 75 58.25 10.98 0.78
CA GLU B 75 59.14 9.86 1.08
C GLU B 75 59.05 9.47 2.56
N LYS B 76 59.11 10.48 3.42
CA LYS B 76 59.17 10.35 4.88
C LYS B 76 57.89 9.80 5.55
N ASP B 77 56.73 10.24 5.08
CA ASP B 77 55.44 9.91 5.73
C ASP B 77 54.96 8.47 5.54
N GLU B 78 54.68 7.82 6.66
CA GLU B 78 54.13 6.46 6.69
C GLU B 78 52.62 6.50 6.88
N TYR B 79 51.92 5.68 6.11
CA TYR B 79 50.45 5.61 6.17
C TYR B 79 49.93 4.21 6.42
N ALA B 80 48.91 4.08 7.26
CA ALA B 80 48.40 2.76 7.63
C ALA B 80 46.91 2.75 7.87
N CYS B 81 46.33 1.55 7.83
CA CYS B 81 44.90 1.35 8.06
C CYS B 81 44.70 0.40 9.24
N ARG B 82 43.91 0.82 10.21
CA ARG B 82 43.77 0.09 11.48
C ARG B 82 42.35 -0.45 11.61
N VAL B 83 42.22 -1.78 11.55
CA VAL B 83 40.92 -2.42 11.46
C VAL B 83 40.63 -3.22 12.70
N ASN B 84 39.41 -3.08 13.24
CA ASN B 84 38.94 -3.92 14.33
C ASN B 84 37.57 -4.51 14.03
N HIS B 85 37.38 -5.73 14.50
CA HIS B 85 36.26 -6.59 14.14
C HIS B 85 36.25 -7.73 15.14
N VAL B 86 35.08 -8.33 15.38
CA VAL B 86 34.93 -9.45 16.31
C VAL B 86 35.77 -10.70 16.01
N THR B 87 36.14 -10.89 14.73
CA THR B 87 36.96 -12.02 14.29
C THR B 87 38.44 -11.87 14.64
N LEU B 88 38.84 -10.64 14.96
CA LEU B 88 40.21 -10.33 15.31
C LEU B 88 40.30 -10.16 16.82
N SER B 89 41.30 -10.77 17.45
CA SER B 89 41.40 -10.64 18.88
C SER B 89 42.18 -9.38 19.28
N GLN B 90 42.81 -8.73 18.31
CA GLN B 90 43.48 -7.44 18.47
C GLN B 90 43.30 -6.66 17.16
N PRO B 91 43.45 -5.33 17.18
CA PRO B 91 43.44 -4.59 15.92
C PRO B 91 44.52 -5.04 14.91
N LYS B 92 44.17 -5.04 13.63
CA LYS B 92 45.14 -5.33 12.56
C LYS B 92 45.55 -4.04 11.88
N ILE B 93 46.86 -3.83 11.78
CA ILE B 93 47.43 -2.69 11.06
C ILE B 93 47.99 -3.22 9.74
N VAL B 94 47.61 -2.60 8.63
CA VAL B 94 48.26 -2.86 7.35
C VAL B 94 48.86 -1.54 6.86
N LYS B 95 50.17 -1.53 6.63
CA LYS B 95 50.89 -0.33 6.19
C LYS B 95 50.76 -0.17 4.70
N TRP B 96 50.69 1.08 4.25
CA TRP B 96 50.66 1.40 2.83
C TRP B 96 52.03 1.14 2.21
N ASP B 97 52.10 0.04 1.45
CA ASP B 97 53.31 -0.36 0.75
C ASP B 97 53.25 0.24 -0.64
N ARG B 98 54.12 1.21 -0.89
CA ARG B 98 53.98 2.14 -2.01
C ARG B 98 53.90 1.51 -3.41
N ASP B 99 54.63 0.41 -3.63
CA ASP B 99 54.41 -0.46 -4.80
C ASP B 99 53.39 -1.62 -4.58
N MET B 100 52.23 -1.28 -4.01
CA MET B 100 51.04 -2.18 -3.86
C MET B 100 49.72 -1.39 -3.56
N ALA C 1 14.09 2.34 -9.72
CA ALA C 1 13.05 2.31 -8.65
C ALA C 1 13.02 0.96 -7.93
N ALA C 2 12.98 1.01 -6.60
CA ALA C 2 12.94 -0.17 -5.73
C ALA C 2 11.61 -0.94 -5.85
N GLY C 3 11.60 -2.18 -5.36
CA GLY C 3 10.42 -3.07 -5.40
C GLY C 3 9.16 -2.60 -4.67
N ILE C 4 8.02 -3.17 -5.15
CA ILE C 4 6.66 -3.22 -4.50
C ILE C 4 5.96 -4.65 -4.55
N GLY C 5 6.67 -5.72 -4.12
CA GLY C 5 6.09 -7.07 -3.86
C GLY C 5 6.79 -7.87 -2.72
N ILE C 6 6.91 -7.23 -1.55
CA ILE C 6 7.70 -7.60 -0.40
C ILE C 6 6.74 -7.88 0.76
N LEU C 7 6.98 -8.97 1.51
CA LEU C 7 6.19 -9.31 2.70
C LEU C 7 7.08 -9.81 3.84
N THR C 8 6.61 -9.73 5.10
CA THR C 8 7.35 -10.26 6.24
C THR C 8 7.56 -11.77 6.24
N VAL C 9 8.63 -12.23 6.89
CA VAL C 9 8.90 -13.67 6.98
C VAL C 9 7.96 -14.42 7.92
N GLN D 1 -3.52 11.39 -8.43
CA GLN D 1 -4.97 11.47 -8.09
C GLN D 1 -5.89 11.03 -9.26
N LEU D 2 -6.76 10.06 -8.97
CA LEU D 2 -7.52 9.32 -9.98
C LEU D 2 -8.88 9.91 -10.35
N ASN D 3 -9.15 9.97 -11.66
CA ASN D 3 -10.46 10.33 -12.24
C ASN D 3 -11.24 9.05 -12.58
N GLN D 4 -12.32 8.79 -11.85
CA GLN D 4 -13.22 7.68 -12.10
C GLN D 4 -14.48 8.16 -12.81
N SER D 5 -14.96 7.38 -13.79
CA SER D 5 -16.10 7.78 -14.61
C SER D 5 -16.98 6.57 -14.94
N PRO D 6 -18.33 6.75 -14.97
CA PRO D 6 -19.12 7.90 -14.54
C PRO D 6 -19.48 7.84 -13.04
N GLN D 7 -19.95 8.94 -12.47
CA GLN D 7 -20.28 9.02 -11.04
C GLN D 7 -21.45 8.14 -10.58
N SER D 8 -22.43 7.93 -11.47
CA SER D 8 -23.53 6.96 -11.23
C SER D 8 -24.14 6.31 -12.48
N MET D 9 -23.94 5.01 -12.68
CA MET D 9 -24.55 4.34 -13.84
C MET D 9 -25.67 3.33 -13.46
N PHE D 10 -26.39 2.88 -14.49
CA PHE D 10 -27.61 2.10 -14.35
C PHE D 10 -27.55 0.86 -15.25
N ILE D 11 -27.87 -0.30 -14.70
CA ILE D 11 -27.98 -1.52 -15.51
C ILE D 11 -29.34 -2.21 -15.29
N GLN D 12 -29.90 -2.81 -16.34
CA GLN D 12 -31.05 -3.68 -16.13
C GLN D 12 -30.57 -5.06 -15.71
N GLU D 13 -31.32 -5.65 -14.78
CA GLU D 13 -31.02 -6.95 -14.19
C GLU D 13 -30.82 -8.09 -15.20
N GLY D 14 -29.63 -8.69 -15.16
CA GLY D 14 -29.28 -9.77 -16.10
C GLY D 14 -28.25 -9.40 -17.16
N GLU D 15 -27.98 -8.10 -17.31
CA GLU D 15 -27.05 -7.62 -18.33
C GLU D 15 -25.59 -7.60 -17.89
N ASP D 16 -24.71 -7.17 -18.80
CA ASP D 16 -23.28 -7.00 -18.52
C ASP D 16 -22.95 -5.54 -18.22
N VAL D 17 -22.07 -5.34 -17.22
CA VAL D 17 -21.71 -4.01 -16.74
C VAL D 17 -20.21 -3.79 -16.90
N SER D 18 -19.81 -2.67 -17.53
CA SER D 18 -18.38 -2.30 -17.67
C SER D 18 -18.07 -0.92 -17.08
N MET D 19 -16.89 -0.80 -16.48
CA MET D 19 -16.61 0.25 -15.51
C MET D 19 -15.14 0.64 -15.55
N ASN D 20 -14.80 1.94 -15.68
CA ASN D 20 -13.37 2.32 -15.81
C ASN D 20 -12.75 3.46 -14.94
N CYS D 21 -11.40 3.55 -14.98
CA CYS D 21 -10.59 4.60 -14.31
C CYS D 21 -9.47 5.14 -15.23
N THR D 22 -8.85 6.26 -14.81
CA THR D 22 -7.95 7.05 -15.67
C THR D 22 -7.03 7.92 -14.82
N SER D 23 -5.77 8.05 -15.22
CA SER D 23 -4.83 9.01 -14.65
C SER D 23 -3.79 9.37 -15.68
N SER D 24 -3.00 10.39 -15.40
CA SER D 24 -1.81 10.65 -16.17
C SER D 24 -0.57 10.05 -15.50
N SER D 25 -0.76 9.50 -14.30
CA SER D 25 0.33 8.87 -13.54
C SER D 25 0.42 7.37 -13.79
N ILE D 26 1.61 6.82 -13.56
CA ILE D 26 1.85 5.40 -13.74
C ILE D 26 1.48 4.74 -12.41
N PHE D 27 0.86 3.57 -12.47
CA PHE D 27 0.52 2.81 -11.27
C PHE D 27 0.93 1.36 -11.45
N ASN D 28 1.50 0.77 -10.40
CA ASN D 28 2.05 -0.58 -10.48
C ASN D 28 1.09 -1.65 -9.97
N THR D 29 0.06 -1.22 -9.25
CA THR D 29 -0.99 -2.08 -8.77
C THR D 29 -2.33 -1.39 -9.01
N TRP D 30 -3.31 -2.16 -9.45
CA TRP D 30 -4.69 -1.68 -9.48
C TRP D 30 -5.57 -2.57 -8.60
N LEU D 31 -6.38 -1.92 -7.78
CA LEU D 31 -7.38 -2.59 -6.94
C LEU D 31 -8.77 -2.08 -7.29
N TRP D 32 -9.77 -2.97 -7.21
CA TRP D 32 -11.18 -2.57 -7.24
C TRP D 32 -11.89 -2.97 -5.95
N TYR D 33 -12.65 -2.03 -5.40
CA TYR D 33 -13.41 -2.23 -4.17
C TYR D 33 -14.89 -2.00 -4.43
N LYS D 34 -15.75 -2.62 -3.63
CA LYS D 34 -17.19 -2.36 -3.63
C LYS D 34 -17.59 -1.85 -2.25
N GLN D 35 -18.41 -0.81 -2.19
CA GLN D 35 -18.95 -0.34 -0.93
C GLN D 35 -20.47 -0.48 -0.89
N ASP D 36 -20.98 -1.15 0.14
CA ASP D 36 -22.41 -1.32 0.36
C ASP D 36 -22.81 -0.25 1.39
N PRO D 37 -24.06 0.25 1.34
CA PRO D 37 -24.31 1.40 2.25
C PRO D 37 -24.30 1.05 3.75
N GLY D 38 -23.65 1.90 4.55
CA GLY D 38 -23.46 1.65 5.97
C GLY D 38 -22.19 0.87 6.30
N GLU D 39 -21.49 0.43 5.25
CA GLU D 39 -20.28 -0.39 5.39
C GLU D 39 -19.11 0.24 4.62
N GLY D 40 -17.89 -0.25 4.90
CA GLY D 40 -16.70 0.18 4.19
C GLY D 40 -16.42 -0.56 2.91
N PRO D 41 -15.47 -0.06 2.11
CA PRO D 41 -15.02 -0.71 0.88
C PRO D 41 -14.53 -2.14 1.14
N VAL D 42 -14.94 -3.08 0.29
CA VAL D 42 -14.49 -4.45 0.39
C VAL D 42 -13.72 -4.72 -0.89
N LEU D 43 -12.49 -5.22 -0.77
CA LEU D 43 -11.66 -5.57 -1.93
C LEU D 43 -12.21 -6.71 -2.81
N LEU D 44 -12.38 -6.42 -4.09
CA LEU D 44 -12.91 -7.41 -5.02
C LEU D 44 -11.78 -8.12 -5.73
N ILE D 45 -10.87 -7.34 -6.34
CA ILE D 45 -9.78 -7.83 -7.18
C ILE D 45 -8.50 -7.03 -6.95
N ALA D 46 -7.36 -7.71 -6.93
CA ALA D 46 -6.06 -7.05 -6.92
C ALA D 46 -5.31 -7.38 -8.20
N LEU D 47 -4.97 -6.38 -8.99
CA LEU D 47 -4.21 -6.60 -10.24
C LEU D 47 -2.74 -6.17 -10.16
N TYR D 48 -1.86 -7.05 -10.60
CA TYR D 48 -0.41 -6.82 -10.49
C TYR D 48 0.33 -6.75 -11.81
N LYS D 49 0.06 -7.70 -12.72
CA LYS D 49 0.67 -7.71 -14.04
C LYS D 49 -0.30 -7.14 -15.06
N ALA D 50 0.22 -6.53 -16.13
CA ALA D 50 -0.62 -6.01 -17.21
C ALA D 50 -1.31 -7.12 -18.05
N GLY D 51 -2.47 -7.59 -17.58
CA GLY D 51 -3.17 -8.75 -18.15
C GLY D 51 -4.51 -9.06 -17.47
N GLU D 52 -4.97 -10.31 -17.61
CA GLU D 52 -6.36 -10.70 -17.29
C GLU D 52 -6.56 -11.56 -16.02
N LEU D 53 -7.45 -11.12 -15.13
CA LEU D 53 -7.60 -11.76 -13.82
C LEU D 53 -9.09 -11.93 -13.41
N THR D 54 -9.39 -13.02 -12.69
CA THR D 54 -10.79 -13.37 -12.33
C THR D 54 -10.96 -14.03 -10.94
N SER D 55 -11.09 -13.22 -9.90
CA SER D 55 -11.21 -13.73 -8.51
C SER D 55 -12.60 -13.48 -7.84
N ASN D 56 -13.65 -13.83 -8.58
CA ASN D 56 -14.99 -14.01 -8.05
C ASN D 56 -15.68 -15.07 -8.88
N GLY D 57 -15.25 -15.16 -10.13
CA GLY D 57 -15.95 -15.91 -11.14
C GLY D 57 -16.67 -14.91 -12.01
N ARG D 58 -17.59 -14.16 -11.40
CA ARG D 58 -18.43 -13.24 -12.14
C ARG D 58 -17.79 -11.90 -12.39
N LEU D 59 -16.69 -11.63 -11.67
CA LEU D 59 -15.92 -10.41 -11.86
C LEU D 59 -14.63 -10.72 -12.61
N THR D 60 -14.42 -10.00 -13.71
CA THR D 60 -13.12 -9.97 -14.38
C THR D 60 -12.58 -8.54 -14.41
N ALA D 61 -11.27 -8.40 -14.23
CA ALA D 61 -10.64 -7.09 -14.30
C ALA D 61 -9.31 -7.07 -15.05
N GLN D 62 -8.99 -5.90 -15.59
CA GLN D 62 -7.78 -5.74 -16.36
C GLN D 62 -7.00 -4.50 -15.97
N PHE D 63 -5.70 -4.68 -16.01
CA PHE D 63 -4.69 -3.70 -15.75
C PHE D 63 -4.29 -3.29 -17.16
N GLY D 64 -4.26 -1.98 -17.43
CA GLY D 64 -3.87 -1.46 -18.74
C GLY D 64 -2.40 -1.62 -19.08
N ILE D 65 -2.11 -1.62 -20.38
CA ILE D 65 -0.77 -1.74 -20.93
C ILE D 65 0.11 -0.53 -20.60
N THR D 66 -0.52 0.64 -20.60
CA THR D 66 0.12 1.93 -20.31
C THR D 66 0.25 2.18 -18.82
N ARG D 67 -0.47 1.36 -18.03
CA ARG D 67 -0.52 1.41 -16.56
C ARG D 67 -1.14 2.72 -16.00
N LYS D 68 -1.95 3.38 -16.84
CA LYS D 68 -2.65 4.63 -16.52
C LYS D 68 -4.17 4.40 -16.58
N ASP D 69 -4.57 3.14 -16.76
CA ASP D 69 -5.94 2.77 -17.08
C ASP D 69 -6.30 1.40 -16.55
N SER D 70 -7.55 1.23 -16.11
CA SER D 70 -8.08 -0.09 -15.71
C SER D 70 -9.59 -0.20 -15.90
N PHE D 71 -10.10 -1.43 -15.99
CA PHE D 71 -11.53 -1.67 -16.03
C PHE D 71 -12.01 -2.83 -15.19
N LEU D 72 -13.32 -2.84 -14.92
CA LEU D 72 -14.00 -3.91 -14.19
C LEU D 72 -15.25 -4.32 -14.97
N ASN D 73 -15.40 -5.63 -15.16
CA ASN D 73 -16.60 -6.20 -15.78
C ASN D 73 -17.41 -7.11 -14.87
N ILE D 74 -18.72 -6.92 -14.92
CA ILE D 74 -19.66 -7.76 -14.19
C ILE D 74 -20.52 -8.49 -15.20
N SER D 75 -20.57 -9.82 -15.08
CA SER D 75 -21.50 -10.60 -15.91
C SER D 75 -22.69 -11.17 -15.15
N ALA D 76 -23.78 -11.39 -15.91
CA ALA D 76 -25.07 -11.90 -15.43
C ALA D 76 -25.54 -11.18 -14.16
N SER D 77 -25.71 -9.86 -14.28
CA SER D 77 -25.93 -8.98 -13.12
C SER D 77 -27.23 -9.23 -12.38
N ILE D 78 -27.18 -8.86 -11.13
CA ILE D 78 -27.99 -9.44 -10.13
C ILE D 78 -28.19 -8.22 -9.23
N PRO D 79 -29.32 -8.14 -8.51
CA PRO D 79 -29.68 -6.96 -7.73
C PRO D 79 -28.73 -6.61 -6.59
N SER D 80 -28.10 -7.62 -5.98
CA SER D 80 -27.10 -7.34 -4.92
C SER D 80 -25.81 -6.67 -5.41
N ASP D 81 -25.58 -6.61 -6.72
CA ASP D 81 -24.45 -5.87 -7.31
C ASP D 81 -24.55 -4.36 -7.17
N VAL D 82 -25.65 -3.86 -6.58
CA VAL D 82 -25.86 -2.46 -6.21
C VAL D 82 -24.78 -2.03 -5.23
N GLY D 83 -24.19 -0.86 -5.45
CA GLY D 83 -23.18 -0.35 -4.53
C GLY D 83 -22.31 0.72 -5.18
N ILE D 84 -21.37 1.26 -4.40
CA ILE D 84 -20.40 2.21 -4.91
C ILE D 84 -19.11 1.45 -5.21
N TYR D 85 -18.63 1.54 -6.45
CA TYR D 85 -17.37 0.86 -6.80
C TYR D 85 -16.20 1.88 -6.88
N PHE D 86 -15.01 1.46 -6.48
CA PHE D 86 -13.85 2.34 -6.40
C PHE D 86 -12.63 1.68 -7.03
N CYS D 87 -11.93 2.37 -7.90
CA CYS D 87 -10.60 1.91 -8.22
C CYS D 87 -9.56 2.51 -7.27
N ALA D 88 -8.52 1.72 -7.03
CA ALA D 88 -7.34 2.20 -6.34
C ALA D 88 -6.09 1.94 -7.17
N GLY D 89 -5.24 2.95 -7.29
CA GLY D 89 -3.96 2.77 -7.96
C GLY D 89 -2.79 2.85 -7.01
N GLY D 90 -1.82 1.97 -7.21
CA GLY D 90 -0.66 1.86 -6.32
C GLY D 90 0.66 2.25 -6.92
N THR D 91 1.29 3.25 -6.31
CA THR D 91 2.67 3.65 -6.62
C THR D 91 3.29 4.20 -5.35
N GLY D 92 4.62 4.07 -5.23
CA GLY D 92 5.37 4.59 -4.10
C GLY D 92 4.85 4.14 -2.75
N ASN D 93 4.41 2.88 -2.68
CA ASN D 93 3.78 2.30 -1.50
C ASN D 93 2.51 3.04 -0.97
N GLN D 94 1.87 3.78 -1.86
CA GLN D 94 0.68 4.56 -1.50
C GLN D 94 -0.45 4.17 -2.46
N PHE D 95 -1.68 4.14 -1.98
CA PHE D 95 -2.81 3.96 -2.88
C PHE D 95 -3.58 5.20 -3.04
N TYR D 96 -4.03 5.45 -4.26
CA TYR D 96 -4.76 6.66 -4.62
C TYR D 96 -6.10 6.19 -5.14
N PHE D 97 -7.17 6.84 -4.70
CA PHE D 97 -8.52 6.30 -4.88
C PHE D 97 -9.31 7.16 -5.83
N GLY D 98 -10.00 6.49 -6.75
CA GLY D 98 -10.97 7.21 -7.58
C GLY D 98 -12.14 7.76 -6.76
N THR D 99 -12.93 8.62 -7.40
CA THR D 99 -13.96 9.38 -6.69
C THR D 99 -15.31 8.68 -6.51
N GLY D 100 -15.39 7.40 -6.87
CA GLY D 100 -16.61 6.64 -6.83
C GLY D 100 -17.42 6.55 -8.10
N THR D 101 -17.84 5.32 -8.39
CA THR D 101 -18.84 5.07 -9.43
C THR D 101 -20.07 4.40 -8.76
N SER D 102 -21.27 4.90 -8.97
CA SER D 102 -22.40 4.36 -8.18
C SER D 102 -23.40 3.57 -8.99
N LEU D 103 -23.36 2.25 -8.89
CA LEU D 103 -24.25 1.40 -9.65
C LEU D 103 -25.60 1.28 -8.96
N THR D 104 -26.66 1.39 -9.74
CA THR D 104 -27.97 0.90 -9.30
C THR D 104 -28.49 -0.07 -10.37
N VAL D 105 -28.92 -1.25 -9.95
CA VAL D 105 -29.55 -2.22 -10.82
C VAL D 105 -31.06 -1.94 -10.79
N ILE D 106 -31.64 -1.72 -11.97
CA ILE D 106 -33.08 -1.59 -12.09
C ILE D 106 -33.64 -3.01 -12.21
N PRO D 107 -34.56 -3.37 -11.32
CA PRO D 107 -35.23 -4.68 -11.24
C PRO D 107 -36.09 -5.03 -12.44
N ASN D 108 -36.27 -6.31 -12.72
CA ASN D 108 -37.25 -6.70 -13.71
C ASN D 108 -38.54 -7.06 -13.00
N ILE D 109 -39.61 -6.34 -13.34
CA ILE D 109 -40.90 -6.56 -12.70
C ILE D 109 -41.64 -7.59 -13.51
N GLN D 110 -41.89 -8.74 -12.88
CA GLN D 110 -42.62 -9.86 -13.48
C GLN D 110 -43.97 -9.46 -14.04
N ASN D 111 -44.92 -9.15 -13.16
CA ASN D 111 -46.25 -8.70 -13.60
C ASN D 111 -46.68 -7.43 -12.86
N PRO D 112 -46.64 -6.28 -13.57
CA PRO D 112 -47.17 -5.05 -12.96
C PRO D 112 -48.69 -5.03 -12.93
N ASP D 113 -49.25 -4.54 -11.83
CA ASP D 113 -50.53 -3.87 -11.86
C ASP D 113 -50.38 -2.62 -10.99
N PRO D 114 -49.95 -1.51 -11.62
CA PRO D 114 -49.74 -0.26 -10.92
C PRO D 114 -51.03 0.29 -10.33
N ALA D 115 -50.92 0.88 -9.15
CA ALA D 115 -52.06 1.40 -8.40
C ALA D 115 -51.62 2.48 -7.41
N VAL D 116 -52.55 3.35 -7.03
CA VAL D 116 -52.31 4.32 -5.97
C VAL D 116 -53.25 4.06 -4.79
N TYR D 117 -52.70 3.76 -3.62
CA TYR D 117 -53.54 3.53 -2.43
C TYR D 117 -53.36 4.60 -1.37
N GLN D 118 -54.47 4.87 -0.66
CA GLN D 118 -54.47 5.66 0.57
C GLN D 118 -54.33 4.73 1.80
N LEU D 119 -53.34 5.03 2.63
CA LEU D 119 -53.12 4.26 3.83
C LEU D 119 -53.31 5.15 5.03
N ARG D 120 -54.13 4.70 5.98
CA ARG D 120 -54.39 5.47 7.20
C ARG D 120 -53.36 5.23 8.30
N ASP D 121 -53.10 6.27 9.11
CA ASP D 121 -52.23 6.20 10.28
C ASP D 121 -52.84 5.24 11.28
N SER D 122 -51.98 4.37 11.81
CA SER D 122 -52.38 3.29 12.69
C SER D 122 -52.97 3.77 14.02
N LYS D 123 -52.26 4.64 14.73
CA LYS D 123 -52.67 4.93 16.09
C LYS D 123 -53.11 6.35 16.41
N SER D 124 -53.25 7.17 15.36
CA SER D 124 -53.76 8.55 15.52
C SER D 124 -54.48 9.10 14.29
N SER D 125 -55.62 9.76 14.57
CA SER D 125 -56.22 10.85 13.77
C SER D 125 -56.40 10.72 12.23
N ASP D 126 -56.36 11.87 11.56
CA ASP D 126 -56.65 12.00 10.13
C ASP D 126 -55.41 11.94 9.22
N LYS D 127 -54.23 11.71 9.83
CA LYS D 127 -52.93 11.60 9.13
C LYS D 127 -52.94 10.51 8.05
N SER D 128 -52.45 10.87 6.85
CA SER D 128 -52.60 10.03 5.66
C SER D 128 -51.35 9.96 4.75
N VAL D 129 -51.05 8.75 4.27
CA VAL D 129 -49.99 8.49 3.29
C VAL D 129 -50.60 7.94 1.98
N CYS D 130 -50.09 8.41 0.83
CA CYS D 130 -50.38 7.77 -0.47
C CYS D 130 -49.22 6.88 -0.92
N LEU D 131 -49.55 5.68 -1.40
CA LEU D 131 -48.56 4.74 -1.90
C LEU D 131 -48.82 4.37 -3.35
N PHE D 132 -47.91 4.78 -4.22
CA PHE D 132 -47.87 4.35 -5.62
C PHE D 132 -47.03 3.08 -5.62
N THR D 133 -47.57 1.98 -6.13
CA THR D 133 -46.93 0.68 -5.99
C THR D 133 -47.20 -0.21 -7.20
N ASP D 134 -46.33 -1.23 -7.37
CA ASP D 134 -46.44 -2.28 -8.44
C ASP D 134 -46.35 -1.78 -9.88
N PHE D 135 -45.75 -0.60 -10.07
CA PHE D 135 -45.45 -0.10 -11.41
C PHE D 135 -44.21 -0.77 -11.98
N ASP D 136 -44.14 -0.82 -13.31
CA ASP D 136 -42.98 -1.29 -14.06
C ASP D 136 -41.77 -0.36 -13.88
N SER D 137 -40.59 -0.92 -14.09
CA SER D 137 -39.33 -0.26 -13.76
C SER D 137 -39.02 0.98 -14.60
N GLN D 138 -39.57 1.02 -15.81
CA GLN D 138 -39.47 2.17 -16.71
C GLN D 138 -40.19 3.44 -16.23
N THR D 139 -41.16 3.29 -15.32
CA THR D 139 -41.86 4.43 -14.73
C THR D 139 -40.92 5.18 -13.80
N ASN D 140 -40.83 6.50 -13.97
CA ASN D 140 -40.09 7.37 -13.07
C ASN D 140 -41.01 8.21 -12.20
N VAL D 141 -40.59 8.47 -10.97
CA VAL D 141 -41.37 9.31 -10.04
C VAL D 141 -40.74 10.69 -9.80
N SER D 142 -41.52 11.76 -10.02
CA SER D 142 -41.10 13.15 -9.80
C SER D 142 -41.46 13.61 -8.39
N GLN D 143 -41.01 14.80 -8.01
CA GLN D 143 -41.12 15.22 -6.61
C GLN D 143 -41.59 16.65 -6.33
N SER D 144 -40.99 17.61 -7.04
CA SER D 144 -41.02 19.06 -6.70
C SER D 144 -42.38 19.65 -6.34
N LYS D 145 -43.40 19.33 -7.17
CA LYS D 145 -44.80 19.81 -7.07
C LYS D 145 -44.90 21.28 -6.62
N ASP D 146 -45.77 21.51 -5.64
CA ASP D 146 -45.62 22.65 -4.73
C ASP D 146 -44.80 22.16 -3.54
N SER D 147 -44.25 23.09 -2.74
CA SER D 147 -43.28 22.76 -1.67
C SER D 147 -43.83 21.95 -0.48
N ASP D 148 -45.15 21.99 -0.28
CA ASP D 148 -45.80 21.33 0.85
C ASP D 148 -46.06 19.82 0.68
N VAL D 149 -45.76 19.28 -0.50
CA VAL D 149 -45.92 17.86 -0.77
C VAL D 149 -44.56 17.17 -0.86
N TYR D 150 -44.37 16.16 -0.02
CA TYR D 150 -43.14 15.37 0.00
C TYR D 150 -43.34 14.06 -0.72
N ILE D 151 -42.56 13.84 -1.78
CA ILE D 151 -42.63 12.59 -2.52
C ILE D 151 -41.26 11.94 -2.47
N THR D 152 -41.22 10.67 -2.09
CA THR D 152 -39.96 9.94 -2.07
C THR D 152 -39.69 9.35 -3.45
N ASP D 153 -38.46 8.88 -3.68
CA ASP D 153 -38.14 8.14 -4.90
C ASP D 153 -38.64 6.69 -4.82
N LYS D 154 -38.57 5.97 -5.94
CA LYS D 154 -39.02 4.59 -5.98
C LYS D 154 -37.99 3.63 -5.37
N CYS D 155 -38.44 2.66 -4.56
CA CYS D 155 -37.56 1.54 -4.26
C CYS D 155 -38.18 0.18 -4.40
N VAL D 156 -37.33 -0.84 -4.59
CA VAL D 156 -37.80 -2.21 -4.69
C VAL D 156 -37.67 -2.92 -3.36
N LEU D 157 -38.77 -3.49 -2.89
CA LEU D 157 -38.74 -4.54 -1.89
C LEU D 157 -38.82 -5.90 -2.57
N ASP D 158 -38.34 -6.93 -1.90
CA ASP D 158 -38.28 -8.30 -2.42
C ASP D 158 -38.89 -9.20 -1.34
N MET D 159 -40.05 -9.78 -1.64
CA MET D 159 -40.69 -10.68 -0.71
C MET D 159 -40.14 -12.06 -1.00
N ARG D 160 -39.04 -12.39 -0.32
CA ARG D 160 -38.23 -13.58 -0.60
C ARG D 160 -38.99 -14.93 -0.56
N SER D 161 -39.93 -15.07 0.36
CA SER D 161 -40.72 -16.30 0.47
C SER D 161 -41.83 -16.43 -0.60
N MET D 162 -42.07 -15.38 -1.38
CA MET D 162 -43.09 -15.42 -2.40
C MET D 162 -42.56 -15.20 -3.82
N ASP D 163 -41.23 -15.06 -3.93
CA ASP D 163 -40.51 -14.74 -5.20
C ASP D 163 -41.11 -13.56 -5.96
N PHE D 164 -41.33 -12.49 -5.24
CA PHE D 164 -42.08 -11.37 -5.76
C PHE D 164 -41.32 -10.11 -5.35
N LYS D 165 -41.08 -9.23 -6.31
CA LYS D 165 -40.43 -7.94 -6.08
C LYS D 165 -41.38 -6.87 -6.56
N SER D 166 -41.41 -5.72 -5.89
CA SER D 166 -42.23 -4.62 -6.35
C SER D 166 -41.65 -3.27 -6.02
N ASN D 167 -41.85 -2.34 -6.94
CA ASN D 167 -41.46 -0.95 -6.77
C ASN D 167 -42.54 -0.20 -6.05
N SER D 168 -42.17 0.81 -5.27
CA SER D 168 -43.17 1.67 -4.64
C SER D 168 -42.62 3.04 -4.32
N ALA D 169 -43.52 4.02 -4.24
CA ALA D 169 -43.16 5.36 -3.81
C ALA D 169 -44.22 5.93 -2.87
N VAL D 170 -43.78 6.78 -1.93
CA VAL D 170 -44.66 7.32 -0.89
C VAL D 170 -44.84 8.86 -0.98
N ALA D 171 -46.08 9.33 -0.86
CA ALA D 171 -46.38 10.76 -0.75
C ALA D 171 -47.28 11.11 0.44
N TRP D 172 -47.07 12.30 1.03
CA TRP D 172 -47.90 12.81 2.13
C TRP D 172 -47.91 14.34 2.22
N SER D 173 -48.94 14.91 2.85
CA SER D 173 -49.07 16.37 3.10
C SER D 173 -49.94 16.71 4.33
N ASN D 174 -50.40 17.96 4.45
CA ASN D 174 -51.17 18.41 5.62
C ASN D 174 -52.59 18.89 5.36
N LYS D 175 -52.98 19.97 6.04
CA LYS D 175 -54.35 20.57 5.96
C LYS D 175 -54.66 21.25 4.61
N SER D 176 -54.58 20.45 3.54
CA SER D 176 -54.52 20.92 2.17
C SER D 176 -55.80 20.55 1.41
N ASP D 177 -55.66 20.37 0.11
CA ASP D 177 -56.68 19.80 -0.75
C ASP D 177 -56.10 18.51 -1.32
N PHE D 178 -54.98 18.10 -0.70
CA PHE D 178 -54.19 16.95 -1.10
C PHE D 178 -54.98 15.65 -1.02
N ALA D 179 -54.89 14.87 -2.09
CA ALA D 179 -55.58 13.59 -2.20
C ALA D 179 -54.73 12.69 -3.07
N CYS D 180 -55.05 11.40 -3.11
CA CYS D 180 -54.20 10.44 -3.80
C CYS D 180 -54.35 10.42 -5.33
N ALA D 181 -55.45 10.96 -5.83
CA ALA D 181 -55.63 11.14 -7.27
C ALA D 181 -54.80 12.30 -7.82
N ASN D 182 -54.43 13.24 -6.94
CA ASN D 182 -53.62 14.41 -7.29
C ASN D 182 -52.16 14.30 -6.81
N ALA D 183 -51.79 13.15 -6.27
CA ALA D 183 -50.50 12.99 -5.61
C ALA D 183 -49.33 12.86 -6.60
N PHE D 184 -49.45 11.91 -7.51
CA PHE D 184 -48.38 11.59 -8.44
C PHE D 184 -48.66 12.01 -9.89
N ASN D 185 -49.64 12.87 -10.14
CA ASN D 185 -50.02 13.16 -11.54
C ASN D 185 -49.06 14.07 -12.29
N ASN D 186 -48.14 14.71 -11.55
CA ASN D 186 -46.97 15.37 -12.13
C ASN D 186 -45.78 14.40 -12.41
N SER D 187 -45.95 13.13 -12.06
CA SER D 187 -45.12 12.04 -12.61
C SER D 187 -45.96 11.37 -13.72
N ILE D 188 -45.31 10.70 -14.66
CA ILE D 188 -46.04 10.05 -15.76
C ILE D 188 -46.43 8.60 -15.41
N ILE D 189 -47.69 8.48 -15.01
CA ILE D 189 -48.34 7.24 -14.59
C ILE D 189 -48.84 6.46 -15.81
N PRO D 190 -49.00 5.13 -15.69
CA PRO D 190 -49.64 4.34 -16.76
C PRO D 190 -51.18 4.45 -16.86
N GLU D 191 -51.85 3.36 -17.23
CA GLU D 191 -53.31 3.27 -17.31
C GLU D 191 -53.85 2.45 -16.12
N ASP D 192 -53.66 2.98 -14.91
CA ASP D 192 -53.68 2.23 -13.65
C ASP D 192 -54.84 2.46 -12.68
N THR D 193 -54.80 1.80 -11.50
CA THR D 193 -55.97 1.73 -10.58
C THR D 193 -56.00 2.67 -9.35
N PHE D 194 -57.18 3.23 -9.08
CA PHE D 194 -57.39 4.21 -8.01
C PHE D 194 -58.57 3.80 -7.10
N ASP E 1 -14.17 -11.26 8.10
CA ASP E 1 -13.02 -11.47 9.02
C ASP E 1 -11.85 -10.54 8.71
N ALA E 2 -12.11 -9.23 8.77
CA ALA E 2 -11.07 -8.19 8.63
C ALA E 2 -10.28 -7.93 9.94
N GLY E 3 -10.96 -8.01 11.09
CA GLY E 3 -10.36 -7.78 12.41
C GLY E 3 -10.32 -6.32 12.85
N ILE E 4 -11.00 -5.44 12.10
CA ILE E 4 -11.06 -4.02 12.41
C ILE E 4 -12.37 -3.64 13.12
N THR E 5 -12.29 -2.90 14.23
CA THR E 5 -13.45 -2.28 14.84
C THR E 5 -13.20 -0.79 14.95
N GLN E 6 -14.08 0.02 14.36
CA GLN E 6 -13.96 1.46 14.52
C GLN E 6 -14.91 1.83 15.63
N SER E 7 -14.47 2.72 16.52
CA SER E 7 -15.36 3.24 17.55
C SER E 7 -15.12 4.75 17.70
N PRO E 8 -16.22 5.54 17.84
CA PRO E 8 -17.62 5.12 17.72
C PRO E 8 -18.02 5.03 16.25
N ARG E 9 -19.18 4.46 15.98
CA ARG E 9 -19.71 4.39 14.60
C ARG E 9 -20.41 5.71 14.21
N HIS E 10 -20.97 6.41 15.19
CA HIS E 10 -21.62 7.69 14.97
C HIS E 10 -21.21 8.69 16.07
N LYS E 11 -20.93 9.93 15.68
CA LYS E 11 -20.72 11.00 16.64
C LYS E 11 -21.36 12.30 16.13
N VAL E 12 -22.16 12.92 16.98
CA VAL E 12 -22.72 14.24 16.69
C VAL E 12 -22.26 15.21 17.78
N THR E 13 -21.53 16.25 17.37
CA THR E 13 -21.00 17.21 18.33
C THR E 13 -20.91 18.67 17.80
N GLU E 14 -20.83 19.67 18.69
CA GLU E 14 -20.72 21.08 18.24
C GLU E 14 -19.29 21.42 17.87
N THR E 15 -19.09 22.46 17.06
CA THR E 15 -17.76 23.09 16.83
C THR E 15 -17.08 23.43 18.14
N GLY E 16 -15.77 23.18 18.21
CA GLY E 16 -14.99 23.46 19.41
C GLY E 16 -14.68 22.23 20.24
N THR E 17 -15.28 21.11 19.88
CA THR E 17 -15.13 19.88 20.64
C THR E 17 -14.06 19.03 19.98
N PRO E 18 -12.97 18.72 20.70
CA PRO E 18 -12.10 17.72 20.09
C PRO E 18 -12.75 16.33 20.10
N VAL E 19 -12.60 15.61 18.98
CA VAL E 19 -13.20 14.31 18.82
C VAL E 19 -12.09 13.35 18.51
N THR E 20 -11.96 12.30 19.31
CA THR E 20 -11.07 11.20 18.99
C THR E 20 -11.82 10.01 18.39
N LEU E 21 -11.35 9.51 17.25
CA LEU E 21 -11.89 8.28 16.68
C LEU E 21 -10.87 7.18 16.85
N ARG E 22 -11.30 6.00 17.28
CA ARG E 22 -10.40 4.88 17.54
C ARG E 22 -10.54 3.76 16.51
N CYS E 23 -9.41 3.22 16.08
CA CYS E 23 -9.39 2.05 15.23
C CYS E 23 -8.65 0.91 15.91
N HIS E 24 -9.38 -0.14 16.27
CA HIS E 24 -8.80 -1.30 16.91
C HIS E 24 -8.63 -2.44 15.92
N GLN E 25 -7.48 -3.10 16.02
CA GLN E 25 -7.07 -4.12 15.11
C GLN E 25 -6.38 -5.20 15.93
N THR E 26 -6.63 -6.47 15.65
CA THR E 26 -6.17 -7.55 16.56
C THR E 26 -4.91 -8.34 16.15
N GLU E 27 -4.34 -8.08 14.99
CA GLU E 27 -3.34 -8.99 14.41
C GLU E 27 -1.96 -8.41 14.42
N ASN E 28 -1.39 -8.26 15.61
CA ASN E 28 0.02 -7.88 15.84
C ASN E 28 0.61 -6.77 14.94
N HIS E 29 1.61 -7.08 14.11
CA HIS E 29 2.19 -6.03 13.26
C HIS E 29 1.32 -5.69 12.03
N ARG E 30 1.00 -4.39 11.85
CA ARG E 30 0.15 -3.96 10.75
C ARG E 30 0.44 -2.52 10.37
N TYR E 31 0.29 -2.19 9.10
CA TYR E 31 0.27 -0.78 8.72
C TYR E 31 -1.16 -0.30 8.90
N MET E 32 -1.34 0.93 9.37
CA MET E 32 -2.69 1.42 9.61
C MET E 32 -2.90 2.78 8.97
N TYR E 33 -4.14 3.08 8.61
CA TYR E 33 -4.46 4.26 7.79
C TYR E 33 -5.74 4.92 8.29
N TRP E 34 -5.85 6.24 8.20
CA TRP E 34 -7.13 6.89 8.36
C TRP E 34 -7.47 7.65 7.09
N TYR E 35 -8.68 7.42 6.59
CA TYR E 35 -9.21 8.12 5.44
C TYR E 35 -10.49 8.85 5.81
N ARG E 36 -10.82 9.85 5.01
CA ARG E 36 -12.17 10.42 5.01
C ARG E 36 -12.78 10.26 3.61
N GLN E 37 -14.11 10.14 3.58
CA GLN E 37 -14.85 9.99 2.34
C GLN E 37 -15.90 11.07 2.28
N ASP E 38 -16.01 11.70 1.11
CA ASP E 38 -16.87 12.88 0.90
C ASP E 38 -17.33 12.77 -0.53
N PRO E 39 -18.58 13.22 -0.81
CA PRO E 39 -19.28 13.15 -2.11
C PRO E 39 -18.52 13.37 -3.44
N GLY E 40 -17.78 14.47 -3.59
CA GLY E 40 -17.11 14.70 -4.87
C GLY E 40 -15.65 14.26 -4.97
N HIS E 41 -15.15 13.57 -3.94
CA HIS E 41 -13.71 13.43 -3.70
C HIS E 41 -13.19 12.00 -3.49
N GLY E 42 -14.07 11.03 -3.26
CA GLY E 42 -13.65 9.65 -3.01
C GLY E 42 -12.97 9.52 -1.65
N LEU E 43 -12.01 8.61 -1.54
CA LEU E 43 -11.29 8.44 -0.30
C LEU E 43 -10.02 9.28 -0.32
N ARG E 44 -9.81 10.07 0.74
CA ARG E 44 -8.60 10.87 0.88
C ARG E 44 -7.87 10.52 2.17
N LEU E 45 -6.58 10.27 2.03
CA LEU E 45 -5.75 9.81 3.14
C LEU E 45 -5.46 10.95 4.10
N ILE E 46 -5.68 10.71 5.37
CA ILE E 46 -5.40 11.70 6.37
C ILE E 46 -4.03 11.42 6.97
N HIS E 47 -3.87 10.26 7.61
CA HIS E 47 -2.63 9.90 8.26
C HIS E 47 -2.49 8.41 8.21
N TYR E 48 -1.26 7.95 8.30
CA TYR E 48 -0.99 6.55 8.22
C TYR E 48 0.21 6.19 9.07
N SER E 49 0.41 4.90 9.32
CA SER E 49 1.39 4.49 10.30
C SER E 49 2.00 3.14 9.99
N TYR E 50 3.33 3.08 9.95
CA TYR E 50 4.04 1.85 9.64
C TYR E 50 4.36 0.97 10.85
N GLY E 51 4.05 1.44 12.06
CA GLY E 51 4.30 0.67 13.28
C GLY E 51 4.20 1.62 14.43
N VAL E 52 4.38 1.09 15.64
CA VAL E 52 4.26 1.85 16.88
C VAL E 52 5.13 3.12 16.91
N LYS E 53 4.45 4.24 17.11
CA LYS E 53 5.05 5.60 17.27
C LYS E 53 5.72 6.10 16.01
N ASP E 54 5.33 5.51 14.89
CA ASP E 54 5.83 5.90 13.61
C ASP E 54 4.59 6.29 12.78
N THR E 55 4.37 7.59 12.58
CA THR E 55 3.26 8.04 11.74
C THR E 55 3.69 9.08 10.71
N ASP E 56 2.96 9.12 9.61
CA ASP E 56 3.20 10.16 8.62
C ASP E 56 1.88 10.67 8.10
N LYS E 57 1.94 11.79 7.41
CA LYS E 57 0.76 12.45 6.92
C LYS E 57 0.44 12.09 5.49
N GLY E 58 -0.86 11.98 5.20
CA GLY E 58 -1.37 11.88 3.85
C GLY E 58 -1.79 13.26 3.36
N GLU E 59 -2.49 13.30 2.22
CA GLU E 59 -2.85 14.53 1.49
C GLU E 59 -3.72 15.55 2.26
N VAL E 60 -4.58 15.08 3.20
CA VAL E 60 -5.51 15.97 3.92
C VAL E 60 -5.32 15.96 5.45
N SER E 61 -4.07 16.04 5.87
CA SER E 61 -3.74 15.91 7.27
C SER E 61 -3.98 17.17 8.09
N ASP E 62 -4.03 18.33 7.43
CA ASP E 62 -4.35 19.63 8.03
C ASP E 62 -5.61 19.56 8.88
N GLY E 63 -5.48 19.90 10.16
CA GLY E 63 -6.60 19.88 11.09
C GLY E 63 -6.70 18.60 11.90
N TYR E 64 -5.83 17.64 11.61
CA TYR E 64 -5.89 16.31 12.24
C TYR E 64 -4.55 15.90 12.86
N SER E 65 -4.62 15.13 13.93
CA SER E 65 -3.46 14.43 14.41
C SER E 65 -3.80 13.00 14.71
N VAL E 66 -2.77 12.24 15.04
CA VAL E 66 -2.90 10.83 15.02
C VAL E 66 -1.96 10.19 16.06
N SER E 67 -2.35 9.04 16.60
CA SER E 67 -1.54 8.43 17.65
C SER E 67 -1.45 6.92 17.48
N ARG E 68 -0.27 6.35 17.72
CA ARG E 68 -0.03 4.90 17.70
C ARG E 68 0.89 4.51 18.85
N SER E 69 0.35 4.51 20.06
CA SER E 69 1.09 4.14 21.25
C SER E 69 1.29 2.62 21.35
N LYS E 70 0.43 1.87 20.67
CA LYS E 70 0.56 0.42 20.55
C LYS E 70 0.05 -0.09 19.21
N THR E 71 0.43 -1.33 18.86
CA THR E 71 0.11 -1.94 17.55
C THR E 71 -1.39 -2.11 17.29
N GLU E 72 -2.17 -2.31 18.34
CA GLU E 72 -3.60 -2.55 18.21
C GLU E 72 -4.39 -1.28 17.87
N ASP E 73 -3.90 -0.12 18.31
CA ASP E 73 -4.68 1.12 18.23
C ASP E 73 -4.08 2.21 17.35
N PHE E 74 -4.92 2.81 16.52
CA PHE E 74 -4.55 3.99 15.74
C PHE E 74 -5.64 5.03 16.00
N LEU E 75 -5.32 6.05 16.80
CA LEU E 75 -6.34 7.03 17.18
C LEU E 75 -6.23 8.25 16.29
N LEU E 76 -7.35 8.67 15.74
CA LEU E 76 -7.42 9.89 14.94
C LEU E 76 -8.11 10.91 15.81
N THR E 77 -7.42 12.00 16.12
CA THR E 77 -8.08 13.03 16.87
C THR E 77 -8.30 14.29 16.04
N LEU E 78 -9.56 14.76 16.04
CA LEU E 78 -9.95 15.89 15.23
C LEU E 78 -9.60 17.15 16.03
N GLU E 79 -8.54 17.79 15.57
CA GLU E 79 -7.88 18.79 16.34
C GLU E 79 -8.63 20.11 16.21
N SER E 80 -8.90 20.50 14.96
CA SER E 80 -9.45 21.82 14.63
C SER E 80 -10.91 21.98 15.07
N ALA E 81 -11.62 20.85 15.02
CA ALA E 81 -13.00 20.65 15.50
C ALA E 81 -14.01 21.50 14.74
N THR E 82 -14.08 21.27 13.43
CA THR E 82 -14.71 22.24 12.54
C THR E 82 -15.73 21.60 11.62
N SER E 83 -16.71 22.38 11.18
CA SER E 83 -17.84 21.87 10.38
C SER E 83 -17.43 21.26 9.02
N SER E 84 -16.27 21.65 8.49
CA SER E 84 -15.73 21.06 7.26
C SER E 84 -15.17 19.66 7.48
N GLN E 85 -15.05 19.26 8.73
CA GLN E 85 -14.60 17.92 9.05
C GLN E 85 -15.75 16.94 9.22
N THR E 86 -16.94 17.39 8.87
CA THR E 86 -18.11 16.55 8.78
C THR E 86 -17.86 15.63 7.60
N SER E 87 -17.85 14.32 7.88
CA SER E 87 -17.48 13.34 6.88
C SER E 87 -17.86 11.96 7.36
N VAL E 88 -17.60 10.97 6.50
CA VAL E 88 -17.53 9.57 6.94
C VAL E 88 -16.05 9.20 7.03
N TYR E 89 -15.61 8.62 8.15
CA TYR E 89 -14.22 8.35 8.36
C TYR E 89 -13.94 6.86 8.36
N PHE E 90 -12.89 6.46 7.65
CA PHE E 90 -12.59 5.04 7.48
C PHE E 90 -11.16 4.71 7.82
N CYS E 91 -11.03 3.79 8.78
CA CYS E 91 -9.79 3.15 9.16
C CYS E 91 -9.50 2.05 8.15
N ALA E 92 -8.22 1.89 7.81
CA ALA E 92 -7.83 0.72 7.01
C ALA E 92 -6.58 0.10 7.53
N ILE E 93 -6.38 -1.14 7.14
CA ILE E 93 -5.27 -1.93 7.62
C ILE E 93 -4.54 -2.51 6.44
N SER E 94 -3.23 -2.73 6.60
CA SER E 94 -2.46 -3.42 5.57
C SER E 94 -1.39 -4.31 6.23
N GLU E 95 -1.12 -5.46 5.63
CA GLU E 95 -0.05 -6.35 6.09
C GLU E 95 1.32 -5.64 5.93
N VAL E 96 2.23 -5.86 6.87
CA VAL E 96 3.57 -5.28 6.84
C VAL E 96 4.39 -5.84 5.69
N GLY E 97 4.70 -4.96 4.76
CA GLY E 97 5.47 -5.31 3.59
C GLY E 97 5.54 -4.06 2.74
N VAL E 98 5.61 -4.23 1.44
CA VAL E 98 5.53 -3.10 0.53
C VAL E 98 4.45 -3.38 -0.46
N GLY E 99 3.52 -2.45 -0.59
CA GLY E 99 2.44 -2.51 -1.61
C GLY E 99 1.28 -3.47 -1.40
N GLN E 100 1.07 -3.92 -0.17
CA GLN E 100 -0.01 -4.88 0.11
C GLN E 100 -1.35 -4.14 0.15
N PRO E 101 -2.43 -4.78 -0.35
CA PRO E 101 -3.74 -4.09 -0.42
C PRO E 101 -4.30 -3.75 0.96
N GLN E 102 -5.09 -2.70 1.01
CA GLN E 102 -5.67 -2.26 2.25
C GLN E 102 -7.08 -2.78 2.40
N HIS E 103 -7.43 -3.11 3.64
CA HIS E 103 -8.74 -3.62 3.97
C HIS E 103 -9.34 -2.66 4.99
N PHE E 104 -10.59 -2.29 4.80
CA PHE E 104 -11.18 -1.19 5.51
C PHE E 104 -12.11 -1.64 6.63
N GLY E 105 -12.24 -0.77 7.64
CA GLY E 105 -13.29 -0.90 8.63
C GLY E 105 -14.63 -0.44 8.07
N ASP E 106 -15.66 -0.44 8.92
CA ASP E 106 -17.02 -0.19 8.48
C ASP E 106 -17.45 1.28 8.51
N GLY E 107 -16.64 2.15 9.10
CA GLY E 107 -16.90 3.58 9.05
C GLY E 107 -17.39 4.26 10.30
N THR E 108 -17.15 5.56 10.36
CA THR E 108 -17.63 6.43 11.39
C THR E 108 -18.32 7.63 10.74
N ARG E 109 -19.63 7.78 10.99
CA ARG E 109 -20.38 8.95 10.56
C ARG E 109 -20.20 10.10 11.57
N LEU E 110 -19.48 11.16 11.16
CA LEU E 110 -19.26 12.29 12.07
C LEU E 110 -19.81 13.60 11.53
N SER E 111 -20.70 14.21 12.30
CA SER E 111 -21.28 15.52 12.01
C SER E 111 -20.82 16.55 13.04
N ILE E 112 -20.17 17.59 12.55
CA ILE E 112 -19.80 18.72 13.41
C ILE E 112 -20.68 19.90 13.04
N LEU E 113 -21.45 20.36 14.02
CA LEU E 113 -22.48 21.35 13.77
C LEU E 113 -22.14 22.68 14.38
N GLU E 114 -22.40 23.76 13.65
CA GLU E 114 -22.09 25.08 14.16
C GLU E 114 -23.12 25.56 15.20
N ASP E 115 -24.32 24.98 15.17
CA ASP E 115 -25.43 25.31 16.10
C ASP E 115 -26.17 24.05 16.53
N LEU E 116 -26.13 23.73 17.83
CA LEU E 116 -26.80 22.52 18.32
C LEU E 116 -28.32 22.64 18.46
N ASN E 117 -28.84 23.87 18.49
CA ASN E 117 -30.30 24.07 18.57
C ASN E 117 -31.02 23.64 17.29
N LYS E 118 -30.23 23.34 16.26
CA LYS E 118 -30.68 22.70 15.04
C LYS E 118 -31.00 21.20 15.14
N VAL E 119 -30.51 20.54 16.19
CA VAL E 119 -30.58 19.08 16.33
C VAL E 119 -31.98 18.64 16.77
N PHE E 120 -32.58 17.72 16.03
CA PHE E 120 -33.92 17.22 16.29
C PHE E 120 -34.05 15.70 16.12
N PRO E 121 -34.72 15.04 17.07
CA PRO E 121 -35.00 13.60 16.93
C PRO E 121 -36.15 13.37 15.91
N PRO E 122 -36.24 12.16 15.33
CA PRO E 122 -37.38 11.89 14.47
C PRO E 122 -38.69 11.66 15.23
N GLU E 123 -39.79 12.11 14.64
CA GLU E 123 -41.11 11.56 14.97
C GLU E 123 -41.33 10.36 14.09
N VAL E 124 -41.91 9.30 14.65
CA VAL E 124 -42.10 8.05 13.92
C VAL E 124 -43.59 7.66 13.88
N ALA E 125 -44.08 7.35 12.68
CA ALA E 125 -45.48 6.97 12.46
C ALA E 125 -45.60 5.77 11.52
N VAL E 126 -46.52 4.86 11.80
CA VAL E 126 -46.78 3.68 10.99
C VAL E 126 -48.15 3.81 10.33
N PHE E 127 -48.21 3.53 9.03
CA PHE E 127 -49.45 3.67 8.31
C PHE E 127 -49.93 2.30 7.84
N GLU E 128 -51.20 1.98 8.15
CA GLU E 128 -51.77 0.63 7.94
C GLU E 128 -52.16 0.35 6.50
N PRO E 129 -52.13 -0.92 6.06
CA PRO E 129 -52.46 -1.24 4.67
C PRO E 129 -53.88 -0.88 4.25
N SER E 130 -54.03 -0.48 2.99
CA SER E 130 -55.29 -0.21 2.36
C SER E 130 -56.09 -1.48 2.20
N GLU E 131 -57.41 -1.36 2.42
CA GLU E 131 -58.38 -2.43 2.18
C GLU E 131 -58.42 -2.74 0.69
N ALA E 132 -58.33 -1.69 -0.12
CA ALA E 132 -58.28 -1.81 -1.58
C ALA E 132 -57.09 -2.65 -2.05
N GLU E 133 -55.92 -2.46 -1.44
CA GLU E 133 -54.70 -3.17 -1.77
C GLU E 133 -54.82 -4.65 -1.48
N ILE E 134 -55.39 -4.95 -0.32
CA ILE E 134 -55.60 -6.32 0.13
C ILE E 134 -56.51 -7.08 -0.83
N SER E 135 -57.58 -6.44 -1.28
CA SER E 135 -58.52 -7.11 -2.16
C SER E 135 -58.00 -7.13 -3.59
N HIS E 136 -57.21 -6.15 -3.98
CA HIS E 136 -56.69 -6.12 -5.35
C HIS E 136 -55.55 -7.13 -5.61
N THR E 137 -54.66 -7.31 -4.62
CA THR E 137 -53.37 -7.96 -4.81
C THR E 137 -53.10 -9.13 -3.90
N GLN E 138 -53.93 -9.30 -2.87
CA GLN E 138 -53.71 -10.28 -1.78
C GLN E 138 -52.45 -10.00 -0.95
N LYS E 139 -52.03 -8.73 -0.97
CA LYS E 139 -50.85 -8.30 -0.26
C LYS E 139 -51.14 -7.05 0.56
N ALA E 140 -50.27 -6.76 1.50
CA ALA E 140 -50.49 -5.66 2.44
C ALA E 140 -49.19 -4.91 2.79
N THR E 141 -49.16 -3.61 2.48
CA THR E 141 -47.96 -2.83 2.71
C THR E 141 -48.14 -1.85 3.86
N LEU E 142 -47.22 -1.90 4.80
CA LEU E 142 -47.21 -0.93 5.87
C LEU E 142 -46.14 0.14 5.51
N VAL E 143 -46.39 1.41 5.80
CA VAL E 143 -45.32 2.35 5.67
C VAL E 143 -44.92 2.98 7.00
N CYS E 144 -43.63 3.18 7.17
CA CYS E 144 -43.11 3.90 8.30
C CYS E 144 -42.57 5.24 7.87
N LEU E 145 -42.92 6.29 8.61
CA LEU E 145 -42.36 7.61 8.36
C LEU E 145 -41.59 8.09 9.57
N ALA E 146 -40.36 8.56 9.34
CA ALA E 146 -39.59 9.23 10.37
C ALA E 146 -39.48 10.63 9.87
N THR E 147 -40.11 11.58 10.56
CA THR E 147 -40.14 12.94 10.09
C THR E 147 -39.39 13.90 11.03
N GLY E 148 -38.90 15.01 10.46
CA GLY E 148 -38.29 16.11 11.21
C GLY E 148 -37.02 15.84 12.00
N PHE E 149 -36.06 15.11 11.43
CA PHE E 149 -34.83 14.82 12.16
C PHE E 149 -33.63 15.53 11.61
N TYR E 150 -32.71 15.89 12.51
CA TYR E 150 -31.45 16.53 12.14
C TYR E 150 -30.34 16.21 13.12
N PRO E 151 -29.16 15.79 12.60
CA PRO E 151 -28.84 15.52 11.19
C PRO E 151 -29.27 14.10 10.79
N ASP E 152 -28.96 13.60 9.58
CA ASP E 152 -29.28 12.17 9.32
C ASP E 152 -28.25 11.21 9.82
N HIS E 153 -28.45 10.83 11.07
CA HIS E 153 -27.76 9.70 11.63
C HIS E 153 -28.92 8.88 12.15
N VAL E 154 -29.63 8.19 11.24
CA VAL E 154 -30.73 7.30 11.62
C VAL E 154 -30.55 5.93 11.03
N GLU E 155 -31.09 4.93 11.73
CA GLU E 155 -31.07 3.55 11.27
C GLU E 155 -32.46 3.00 11.50
N LEU E 156 -33.12 2.67 10.40
CA LEU E 156 -34.51 2.21 10.45
C LEU E 156 -34.56 0.71 10.31
N SER E 157 -35.36 0.08 11.15
CA SER E 157 -35.55 -1.36 11.11
C SER E 157 -36.98 -1.74 11.44
N TRP E 158 -37.39 -2.92 10.98
CA TRP E 158 -38.75 -3.40 11.12
C TRP E 158 -38.74 -4.66 11.94
N TRP E 159 -39.60 -4.69 12.96
CA TRP E 159 -39.63 -5.80 13.89
C TRP E 159 -41.03 -6.40 13.85
N VAL E 160 -41.13 -7.68 13.46
CA VAL E 160 -42.40 -8.39 13.52
C VAL E 160 -42.38 -9.58 14.45
N ASN E 161 -43.33 -9.51 15.38
CA ASN E 161 -43.42 -10.38 16.57
C ASN E 161 -42.16 -10.41 17.45
N GLY E 162 -41.53 -9.24 17.59
CA GLY E 162 -40.36 -9.08 18.44
C GLY E 162 -39.04 -9.38 17.75
N LYS E 163 -39.10 -9.82 16.48
CA LYS E 163 -37.92 -10.20 15.71
C LYS E 163 -37.75 -9.32 14.47
N GLU E 164 -36.49 -8.95 14.20
CA GLU E 164 -36.13 -8.12 13.04
C GLU E 164 -36.31 -8.90 11.73
N VAL E 165 -36.95 -8.28 10.74
CA VAL E 165 -37.11 -8.88 9.42
C VAL E 165 -36.40 -7.97 8.39
N HIS E 166 -36.05 -8.55 7.25
CA HIS E 166 -35.37 -7.83 6.17
C HIS E 166 -36.07 -8.12 4.88
N SER E 167 -36.69 -9.29 4.80
CA SER E 167 -37.50 -9.64 3.67
C SER E 167 -38.73 -8.71 3.60
N GLY E 168 -39.07 -8.28 2.40
CA GLY E 168 -40.25 -7.48 2.17
C GLY E 168 -40.08 -6.02 2.52
N VAL E 169 -38.87 -5.59 2.86
CA VAL E 169 -38.68 -4.21 3.26
C VAL E 169 -37.87 -3.44 2.23
N CYS E 170 -38.22 -2.17 2.03
CA CYS E 170 -37.30 -1.26 1.40
C CYS E 170 -37.38 0.11 2.03
N THR E 171 -36.23 0.66 2.37
CA THR E 171 -36.09 1.96 3.02
C THR E 171 -35.34 2.86 2.04
N ASP E 172 -35.74 4.13 1.94
CA ASP E 172 -35.08 5.09 1.07
C ASP E 172 -33.60 5.17 1.42
N PRO E 173 -32.73 5.06 0.40
CA PRO E 173 -31.29 5.23 0.59
C PRO E 173 -30.94 6.66 0.98
N GLN E 174 -31.60 7.62 0.37
CA GLN E 174 -31.39 9.04 0.67
C GLN E 174 -32.60 9.59 1.41
N PRO E 175 -32.40 10.33 2.50
CA PRO E 175 -33.54 11.00 3.11
C PRO E 175 -33.97 12.23 2.30
N LEU E 176 -35.14 12.74 2.63
CA LEU E 176 -35.75 13.80 1.86
C LEU E 176 -35.65 15.03 2.70
N LYS E 177 -35.28 16.13 2.07
CA LYS E 177 -35.21 17.43 2.72
C LYS E 177 -36.62 17.99 2.88
N GLU E 178 -36.99 18.32 4.11
CA GLU E 178 -38.31 18.86 4.43
C GLU E 178 -38.46 20.31 3.97
N GLN E 179 -37.33 20.95 3.71
CA GLN E 179 -37.31 22.31 3.23
C GLN E 179 -36.05 22.48 2.35
N PRO E 180 -36.14 22.14 1.03
CA PRO E 180 -34.99 22.00 0.12
C PRO E 180 -34.09 23.23 -0.07
N ALA E 181 -34.66 24.42 0.09
CA ALA E 181 -33.93 25.68 0.02
C ALA E 181 -33.06 25.94 1.26
N LEU E 182 -33.46 25.36 2.39
CA LEU E 182 -32.72 25.53 3.64
C LEU E 182 -31.43 24.69 3.72
N ASN E 183 -30.41 25.29 4.33
CA ASN E 183 -29.13 24.63 4.55
C ASN E 183 -29.22 23.64 5.71
N ASP E 184 -29.73 24.14 6.84
CA ASP E 184 -29.87 23.41 8.11
C ASP E 184 -31.07 22.45 8.16
N SER E 185 -31.79 22.33 7.04
CA SER E 185 -33.09 21.63 6.91
C SER E 185 -33.22 20.25 7.54
N ARG E 186 -34.34 20.07 8.25
CA ARG E 186 -34.69 18.80 8.86
C ARG E 186 -35.07 17.76 7.80
N TYR E 187 -35.04 16.50 8.18
CA TYR E 187 -35.17 15.43 7.21
C TYR E 187 -36.39 14.53 7.42
N ALA E 188 -36.79 13.84 6.36
CA ALA E 188 -37.77 12.75 6.46
C ALA E 188 -37.27 11.51 5.77
N LEU E 189 -37.69 10.34 6.26
CA LEU E 189 -37.33 9.07 5.68
C LEU E 189 -38.53 8.12 5.64
N SER E 190 -38.74 7.43 4.52
CA SER E 190 -39.82 6.46 4.41
C SER E 190 -39.30 5.04 4.22
N SER E 191 -40.12 4.09 4.67
CA SER E 191 -39.81 2.69 4.53
C SER E 191 -41.09 1.91 4.33
N ARG E 192 -40.98 0.76 3.66
CA ARG E 192 -42.16 -0.06 3.45
C ARG E 192 -41.86 -1.43 3.97
N LEU E 193 -42.85 -2.08 4.57
CA LEU E 193 -42.82 -3.53 4.82
C LEU E 193 -44.05 -4.14 4.18
N ARG E 194 -43.85 -5.07 3.25
CA ARG E 194 -44.99 -5.73 2.62
C ARG E 194 -45.13 -7.15 3.07
N VAL E 195 -46.34 -7.54 3.45
CA VAL E 195 -46.60 -8.91 3.86
C VAL E 195 -47.78 -9.42 3.03
N SER E 196 -48.09 -10.71 3.16
CA SER E 196 -49.31 -11.27 2.59
C SER E 196 -50.49 -10.75 3.38
N ALA E 197 -51.62 -10.56 2.70
CA ALA E 197 -52.90 -10.20 3.33
C ALA E 197 -53.24 -11.11 4.49
N THR E 198 -53.12 -12.42 4.29
CA THR E 198 -53.29 -13.41 5.35
C THR E 198 -52.53 -13.07 6.64
N PHE E 199 -51.24 -12.71 6.51
CA PHE E 199 -50.39 -12.46 7.68
C PHE E 199 -50.78 -11.18 8.38
N TRP E 200 -51.16 -10.18 7.60
CA TRP E 200 -51.75 -8.97 8.15
C TRP E 200 -53.15 -9.23 8.75
N GLN E 201 -53.92 -10.18 8.21
CA GLN E 201 -55.28 -10.38 8.70
C GLN E 201 -55.31 -11.19 9.98
N ASP E 202 -54.16 -11.78 10.33
CA ASP E 202 -53.98 -12.45 11.60
C ASP E 202 -53.68 -11.38 12.66
N PRO E 203 -54.57 -11.26 13.67
CA PRO E 203 -54.37 -10.22 14.69
C PRO E 203 -53.36 -10.55 15.80
N ARG E 204 -52.80 -11.75 15.78
CA ARG E 204 -51.72 -12.13 16.68
C ARG E 204 -50.38 -11.50 16.29
N ASN E 205 -50.29 -11.04 15.04
CA ASN E 205 -49.07 -10.45 14.52
C ASN E 205 -48.91 -8.98 14.87
N HIS E 206 -47.73 -8.67 15.39
CA HIS E 206 -47.41 -7.33 15.88
C HIS E 206 -46.27 -6.83 15.02
N PHE E 207 -46.40 -5.58 14.58
CA PHE E 207 -45.51 -4.97 13.60
C PHE E 207 -44.94 -3.71 14.24
N ARG E 208 -43.63 -3.59 14.31
CA ARG E 208 -42.99 -2.40 14.87
C ARG E 208 -41.96 -1.85 13.89
N CYS E 209 -41.94 -0.53 13.78
CA CYS E 209 -40.96 0.21 13.03
C CYS E 209 -40.08 1.00 13.99
N GLN E 210 -38.78 0.69 14.04
CA GLN E 210 -37.89 1.27 15.04
C GLN E 210 -36.91 2.19 14.35
N VAL E 211 -36.76 3.41 14.86
CA VAL E 211 -35.75 4.31 14.34
C VAL E 211 -34.73 4.66 15.40
N GLN E 212 -33.52 4.18 15.22
CA GLN E 212 -32.42 4.52 16.07
C GLN E 212 -31.83 5.86 15.60
N PHE E 213 -31.84 6.84 16.49
CA PHE E 213 -31.30 8.17 16.19
C PHE E 213 -30.01 8.37 16.98
N TYR E 214 -29.04 8.99 16.35
CA TYR E 214 -27.79 9.30 17.03
C TYR E 214 -27.72 10.82 17.17
N GLY E 215 -27.50 11.29 18.40
CA GLY E 215 -27.56 12.72 18.66
C GLY E 215 -26.55 13.11 19.71
N LEU E 216 -27.02 13.88 20.69
CA LEU E 216 -26.11 14.40 21.70
C LEU E 216 -25.83 13.35 22.75
N SER E 217 -24.73 13.56 23.47
CA SER E 217 -24.27 12.62 24.47
C SER E 217 -24.31 13.32 25.84
N GLU E 218 -23.65 12.74 26.84
CA GLU E 218 -23.65 13.30 28.21
C GLU E 218 -23.04 14.70 28.37
N ASN E 219 -21.84 14.87 27.82
CA ASN E 219 -21.04 16.10 27.98
C ASN E 219 -21.37 17.24 26.99
N ASP E 220 -22.33 16.99 26.10
CA ASP E 220 -22.86 18.05 25.26
C ASP E 220 -23.81 18.91 26.09
N GLU E 221 -23.70 20.23 25.93
CA GLU E 221 -24.45 21.20 26.74
C GLU E 221 -25.84 21.47 26.17
N TRP E 222 -26.82 21.70 27.04
CA TRP E 222 -28.20 21.93 26.60
C TRP E 222 -28.97 22.88 27.49
N THR E 223 -29.51 23.94 26.87
CA THR E 223 -30.21 25.02 27.58
C THR E 223 -31.63 25.37 27.06
N GLN E 224 -32.15 24.58 26.12
CA GLN E 224 -33.51 24.80 25.59
C GLN E 224 -34.59 24.22 26.52
N ASP E 225 -35.84 24.53 26.19
CA ASP E 225 -37.00 24.04 26.94
C ASP E 225 -37.48 22.68 26.46
N ARG E 226 -37.12 22.30 25.23
CA ARG E 226 -37.41 20.95 24.77
C ARG E 226 -36.41 19.97 25.36
N ALA E 227 -36.83 18.71 25.47
CA ALA E 227 -35.95 17.61 25.90
C ALA E 227 -34.74 17.51 24.98
N LYS E 228 -33.58 17.42 25.60
CA LYS E 228 -32.26 17.22 24.98
C LYS E 228 -32.35 16.13 23.92
N PRO E 229 -31.98 16.44 22.67
CA PRO E 229 -32.15 15.50 21.56
C PRO E 229 -31.02 14.47 21.53
N VAL E 230 -31.02 13.61 22.55
CA VAL E 230 -29.96 12.62 22.73
C VAL E 230 -30.14 11.45 21.78
N THR E 231 -29.07 10.69 21.66
CA THR E 231 -29.09 9.34 21.08
C THR E 231 -30.20 8.49 21.72
N GLN E 232 -31.16 8.07 20.90
CA GLN E 232 -32.42 7.48 21.36
C GLN E 232 -33.06 6.63 20.27
N ILE E 233 -34.07 5.87 20.67
CA ILE E 233 -34.86 5.03 19.77
C ILE E 233 -36.29 5.60 19.80
N VAL E 234 -36.85 5.91 18.64
CA VAL E 234 -38.25 6.28 18.55
C VAL E 234 -38.93 5.17 17.72
N SER E 235 -40.10 4.74 18.16
CA SER E 235 -40.82 3.64 17.51
C SER E 235 -42.26 3.97 17.25
N ALA E 236 -42.83 3.27 16.28
CA ALA E 236 -44.28 3.25 16.13
C ALA E 236 -44.69 1.81 15.88
N GLU E 237 -45.91 1.45 16.26
CA GLU E 237 -46.36 0.07 16.07
C GLU E 237 -47.81 -0.10 15.59
N ALA E 238 -48.13 -1.32 15.14
CA ALA E 238 -49.47 -1.69 14.66
C ALA E 238 -49.68 -3.18 14.82
N TRP E 239 -50.94 -3.55 14.99
CA TRP E 239 -51.35 -4.93 15.08
C TRP E 239 -52.19 -5.29 13.88
N GLY E 240 -52.20 -6.57 13.49
CA GLY E 240 -53.11 -7.06 12.47
C GLY E 240 -54.58 -6.93 12.84
N ARG E 241 -55.42 -6.73 11.83
CA ARG E 241 -56.87 -6.63 12.02
C ARG E 241 -57.50 -7.68 11.14
N ALA E 242 -58.65 -8.22 11.57
CA ALA E 242 -59.42 -9.21 10.78
C ALA E 242 -59.98 -8.66 9.45
N ASP E 243 -60.12 -7.34 9.36
CA ASP E 243 -60.03 -6.65 8.05
C ASP E 243 -58.61 -6.03 7.80
#